data_8A78
#
_entry.id   8A78
#
_cell.length_a   59.090
_cell.length_b   78.790
_cell.length_c   88.480
_cell.angle_alpha   90.000
_cell.angle_beta   102.170
_cell.angle_gamma   90.000
#
_symmetry.space_group_name_H-M   'P 1 21 1'
#
loop_
_entity.id
_entity.type
_entity.pdbx_description
1 polymer 'Isoprenyl diphosphate synthase'
2 non-polymer 'MANGANESE (II) ION'
3 non-polymer 'MAGNESIUM ION'
4 non-polymer 'PYROPHOSPHATE 2-'
5 non-polymer 'GERANYL DIPHOSPHATE'
6 non-polymer GLYCEROL
7 water water
#
_entity_poly.entity_id   1
_entity_poly.type   'polypeptide(L)'
_entity_poly.pdbx_seq_one_letter_code
;GSFSKEESREFMAIFPDIVRDLTDAGRHTDIPEVTKRFAKVLQYNVPTGKKTRGLSTVIAYKMLEKPENLTPENVRLAGI
LGWCVELLQASLLIMDDLMDRSETRRGQPCWYRQENVGFLAINDCLHVESSLYSVLRKYFSHLPCYVPIIELFHDVNFKT
NMGQSLDALCMKDGRPILSQFTMKRYSSIVKYKTSYYTFQLPVSLGMYLADMYDPEQHRQAKTILMEIGEFAQIQDDFLD
AFGDSQVTGKVGTDIKEGKCSWLAVVALQRSNPAQRQIMEEHYGRPEPESTQIIKNLYIELGLPATFAVYEEESFNIIRT
HIHQISKGLPHDLFFKIMKKIYKRDA
;
_entity_poly.pdbx_strand_id   A,B
#
# COMPACT_ATOMS: atom_id res chain seq x y z
N SER A 4 -15.27 -27.46 -5.52
CA SER A 4 -15.83 -28.43 -4.52
C SER A 4 -16.66 -27.69 -3.45
N LYS A 5 -17.88 -28.16 -3.20
CA LYS A 5 -18.85 -27.54 -2.25
C LYS A 5 -18.16 -27.39 -0.89
N GLU A 6 -17.57 -28.46 -0.37
CA GLU A 6 -16.92 -28.50 0.99
C GLU A 6 -15.78 -27.48 1.04
N GLU A 7 -14.91 -27.47 0.03
CA GLU A 7 -13.75 -26.53 -0.06
C GLU A 7 -14.27 -25.09 -0.10
N SER A 8 -15.27 -24.80 -0.92
CA SER A 8 -15.87 -23.44 -1.06
C SER A 8 -16.47 -22.99 0.28
N ARG A 9 -17.19 -23.86 0.99
CA ARG A 9 -17.91 -23.47 2.23
C ARG A 9 -16.90 -23.28 3.37
N GLU A 10 -15.96 -24.22 3.53
CA GLU A 10 -14.88 -24.13 4.57
C GLU A 10 -14.11 -22.83 4.37
N PHE A 11 -13.82 -22.49 3.12
CA PHE A 11 -13.08 -21.26 2.76
C PHE A 11 -13.91 -20.04 3.17
N MET A 12 -15.18 -19.99 2.75
CA MET A 12 -16.07 -18.83 3.02
C MET A 12 -16.27 -18.65 4.53
N ALA A 13 -16.27 -19.73 5.31
CA ALA A 13 -16.46 -19.68 6.78
C ALA A 13 -15.34 -18.88 7.47
N ILE A 14 -14.16 -18.77 6.87
CA ILE A 14 -12.99 -18.08 7.50
C ILE A 14 -13.17 -16.56 7.45
N PHE A 15 -13.78 -16.04 6.39
CA PHE A 15 -13.84 -14.58 6.10
C PHE A 15 -14.33 -13.78 7.32
N PRO A 16 -15.47 -14.15 7.96
CA PRO A 16 -15.98 -13.37 9.09
C PRO A 16 -15.01 -13.28 10.28
N ASP A 17 -14.19 -14.31 10.51
CA ASP A 17 -13.15 -14.29 11.56
C ASP A 17 -12.07 -13.26 11.20
N ILE A 18 -11.69 -13.19 9.94
CA ILE A 18 -10.65 -12.25 9.48
C ILE A 18 -11.18 -10.82 9.67
N VAL A 19 -12.46 -10.57 9.38
CA VAL A 19 -13.01 -9.21 9.56
C VAL A 19 -12.96 -8.90 11.06
N ARG A 20 -13.32 -9.84 11.93
CA ARG A 20 -13.24 -9.61 13.40
C ARG A 20 -11.78 -9.35 13.81
N ASP A 21 -10.83 -10.10 13.24
CA ASP A 21 -9.38 -9.96 13.59
C ASP A 21 -8.91 -8.53 13.32
N LEU A 22 -9.45 -7.91 12.27
CA LEU A 22 -8.98 -6.61 11.73
C LEU A 22 -9.78 -5.45 12.32
N THR A 23 -10.92 -5.71 12.96
CA THR A 23 -11.86 -4.62 13.39
C THR A 23 -12.44 -4.82 14.80
N ASP A 24 -12.24 -5.95 15.48
CA ASP A 24 -12.94 -6.28 16.75
C ASP A 24 -12.08 -7.20 17.63
N ALA A 25 -10.86 -6.78 17.95
CA ALA A 25 -9.88 -7.52 18.78
C ALA A 25 -9.22 -6.57 19.82
N HIS A 28 -7.97 -1.14 19.12
CA HIS A 28 -8.32 0.23 18.69
C HIS A 28 -9.72 0.63 19.22
N THR A 29 -9.99 0.38 20.49
CA THR A 29 -11.33 0.57 21.11
C THR A 29 -11.64 2.08 21.22
N ASP A 30 -10.64 2.96 21.07
CA ASP A 30 -10.82 4.43 21.16
C ASP A 30 -11.43 4.98 19.85
N ILE A 31 -11.48 4.19 18.78
CA ILE A 31 -11.90 4.69 17.43
C ILE A 31 -12.89 3.71 16.78
N PRO A 32 -14.06 3.45 17.40
CA PRO A 32 -15.04 2.51 16.84
C PRO A 32 -15.62 2.94 15.48
N GLU A 33 -15.72 4.25 15.20
CA GLU A 33 -16.34 4.72 13.95
C GLU A 33 -15.49 4.25 12.77
N VAL A 34 -14.17 4.32 12.89
CA VAL A 34 -13.28 3.96 11.75
C VAL A 34 -13.14 2.42 11.69
N THR A 35 -13.23 1.68 12.79
CA THR A 35 -13.17 0.18 12.71
C THR A 35 -14.46 -0.35 12.08
N LYS A 36 -15.60 0.25 12.41
CA LYS A 36 -16.89 -0.12 11.78
C LYS A 36 -16.82 0.19 10.29
N ARG A 37 -16.26 1.34 9.90
CA ARG A 37 -16.11 1.66 8.46
C ARG A 37 -15.20 0.63 7.78
N PHE A 38 -14.09 0.28 8.43
CA PHE A 38 -13.13 -0.68 7.82
C PHE A 38 -13.81 -2.06 7.64
N ALA A 39 -14.70 -2.48 8.54
CA ALA A 39 -15.48 -3.72 8.35
C ALA A 39 -16.27 -3.61 7.03
N LYS A 40 -16.91 -2.47 6.76
CA LYS A 40 -17.68 -2.26 5.51
C LYS A 40 -16.74 -2.27 4.30
N VAL A 41 -15.55 -1.67 4.42
CA VAL A 41 -14.55 -1.68 3.31
C VAL A 41 -14.26 -3.14 2.97
N LEU A 42 -14.00 -3.96 3.99
CA LEU A 42 -13.65 -5.39 3.78
C LEU A 42 -14.87 -6.13 3.22
N GLN A 43 -16.05 -5.90 3.77
CA GLN A 43 -17.27 -6.65 3.38
C GLN A 43 -17.66 -6.35 1.92
N TYR A 44 -17.44 -5.12 1.44
CA TYR A 44 -17.80 -4.71 0.06
C TYR A 44 -16.80 -5.31 -0.93
N ASN A 45 -15.51 -5.24 -0.61
CA ASN A 45 -14.44 -5.37 -1.62
C ASN A 45 -13.83 -6.78 -1.67
N VAL A 46 -13.99 -7.58 -0.62
CA VAL A 46 -13.13 -8.80 -0.46
C VAL A 46 -13.89 -10.11 -0.74
N PRO A 47 -15.12 -10.34 -0.26
CA PRO A 47 -15.67 -11.69 -0.25
C PRO A 47 -16.74 -12.04 -1.29
N THR A 48 -17.06 -11.13 -2.21
CA THR A 48 -18.21 -11.31 -3.12
C THR A 48 -17.80 -11.92 -4.47
N GLY A 49 -16.53 -11.97 -4.81
CA GLY A 49 -16.07 -12.48 -6.11
C GLY A 49 -16.14 -14.02 -6.20
N LYS A 50 -15.40 -14.61 -7.13
CA LYS A 50 -15.31 -16.07 -7.31
C LYS A 50 -14.27 -16.64 -6.33
N LYS A 51 -13.37 -15.80 -5.82
CA LYS A 51 -12.28 -16.18 -4.87
C LYS A 51 -11.42 -17.30 -5.46
N THR A 52 -11.26 -17.30 -6.79
CA THR A 52 -10.45 -18.30 -7.50
C THR A 52 -9.04 -18.34 -6.90
N ARG A 53 -8.43 -17.18 -6.63
CA ARG A 53 -7.02 -17.15 -6.16
C ARG A 53 -6.92 -17.68 -4.73
N GLY A 54 -7.85 -17.30 -3.86
CA GLY A 54 -7.87 -17.79 -2.48
C GLY A 54 -8.09 -19.29 -2.44
N LEU A 55 -9.10 -19.78 -3.15
CA LEU A 55 -9.36 -21.24 -3.22
C LEU A 55 -8.17 -21.97 -3.83
N SER A 56 -7.51 -21.40 -4.84
CA SER A 56 -6.35 -22.05 -5.51
CA SER A 56 -6.35 -22.06 -5.51
C SER A 56 -5.19 -22.19 -4.52
N THR A 57 -5.12 -21.32 -3.50
CA THR A 57 -4.07 -21.40 -2.46
C THR A 57 -4.29 -22.68 -1.64
N VAL A 58 -5.55 -22.94 -1.27
CA VAL A 58 -5.95 -24.16 -0.53
C VAL A 58 -5.63 -25.39 -1.38
N ILE A 59 -6.08 -25.40 -2.64
CA ILE A 59 -5.87 -26.55 -3.56
C ILE A 59 -4.37 -26.79 -3.71
N ALA A 60 -3.57 -25.74 -3.92
CA ALA A 60 -2.10 -25.88 -4.09
C ALA A 60 -1.54 -26.57 -2.84
N TYR A 61 -1.90 -26.07 -1.66
CA TYR A 61 -1.44 -26.65 -0.37
C TYR A 61 -1.84 -28.13 -0.29
N LYS A 62 -3.11 -28.45 -0.58
CA LYS A 62 -3.61 -29.84 -0.50
C LYS A 62 -2.84 -30.78 -1.44
N MET A 63 -2.28 -30.27 -2.53
CA MET A 63 -1.57 -31.10 -3.53
C MET A 63 -0.06 -31.10 -3.27
N LEU A 64 0.46 -30.19 -2.45
CA LEU A 64 1.92 -30.07 -2.16
C LEU A 64 2.27 -30.76 -0.84
N GLU A 65 1.39 -30.69 0.15
CA GLU A 65 1.62 -31.23 1.51
C GLU A 65 1.59 -32.76 1.47
N LYS A 66 2.34 -33.38 2.38
CA LYS A 66 2.25 -34.85 2.59
C LYS A 66 0.82 -35.14 3.04
N PRO A 67 0.14 -36.13 2.41
CA PRO A 67 -1.24 -36.46 2.78
C PRO A 67 -1.50 -36.60 4.29
N GLU A 68 -0.52 -37.14 5.02
CA GLU A 68 -0.63 -37.45 6.48
C GLU A 68 -0.56 -36.16 7.31
N ASN A 69 -0.12 -35.04 6.72
CA ASN A 69 -0.06 -33.72 7.41
C ASN A 69 -1.27 -32.85 7.05
N LEU A 70 -2.20 -33.33 6.23
CA LEU A 70 -3.38 -32.52 5.80
C LEU A 70 -4.46 -32.57 6.87
N THR A 71 -4.24 -31.87 7.98
CA THR A 71 -5.20 -31.77 9.11
C THR A 71 -6.22 -30.68 8.80
N PRO A 72 -7.42 -30.71 9.42
CA PRO A 72 -8.35 -29.59 9.32
C PRO A 72 -7.66 -28.28 9.68
N GLU A 73 -6.80 -28.31 10.71
CA GLU A 73 -6.09 -27.10 11.21
C GLU A 73 -5.18 -26.53 10.11
N ASN A 74 -4.41 -27.38 9.41
CA ASN A 74 -3.47 -26.93 8.34
C ASN A 74 -4.25 -26.47 7.12
N VAL A 75 -5.33 -27.16 6.77
CA VAL A 75 -6.21 -26.74 5.63
C VAL A 75 -6.80 -25.37 5.95
N ARG A 76 -7.13 -25.09 7.21
CA ARG A 76 -7.67 -23.77 7.63
C ARG A 76 -6.57 -22.71 7.51
N LEU A 77 -5.34 -23.02 7.91
CA LEU A 77 -4.20 -22.08 7.70
C LEU A 77 -4.07 -21.76 6.20
N ALA A 78 -4.16 -22.75 5.32
CA ALA A 78 -4.10 -22.55 3.86
C ALA A 78 -5.22 -21.59 3.42
N GLY A 79 -6.42 -21.77 3.96
CA GLY A 79 -7.55 -20.87 3.70
C GLY A 79 -7.25 -19.46 4.16
N ILE A 80 -6.66 -19.31 5.35
CA ILE A 80 -6.31 -17.93 5.83
C ILE A 80 -5.32 -17.31 4.85
N LEU A 81 -4.31 -18.06 4.38
CA LEU A 81 -3.38 -17.52 3.37
C LEU A 81 -4.15 -17.15 2.09
N GLY A 82 -5.11 -17.97 1.69
CA GLY A 82 -5.94 -17.68 0.51
C GLY A 82 -6.68 -16.35 0.71
N TRP A 83 -7.20 -16.10 1.90
CA TRP A 83 -7.89 -14.81 2.17
C TRP A 83 -6.88 -13.66 2.13
N CYS A 84 -5.62 -13.90 2.51
CA CYS A 84 -4.61 -12.82 2.43
C CYS A 84 -4.37 -12.49 0.95
N VAL A 85 -4.36 -13.50 0.09
CA VAL A 85 -4.31 -13.26 -1.39
C VAL A 85 -5.54 -12.42 -1.79
N GLU A 86 -6.72 -12.77 -1.30
CA GLU A 86 -7.96 -12.01 -1.66
C GLU A 86 -7.89 -10.58 -1.09
N LEU A 87 -7.28 -10.36 0.08
CA LEU A 87 -7.09 -8.98 0.59
C LEU A 87 -6.16 -8.21 -0.34
N LEU A 88 -5.05 -8.83 -0.74
CA LEU A 88 -4.13 -8.16 -1.69
C LEU A 88 -4.90 -7.82 -2.97
N GLN A 89 -5.62 -8.79 -3.53
CA GLN A 89 -6.34 -8.50 -4.80
C GLN A 89 -7.31 -7.34 -4.57
N ALA A 90 -8.09 -7.38 -3.50
CA ALA A 90 -9.10 -6.34 -3.23
C ALA A 90 -8.42 -4.96 -3.22
N SER A 91 -7.26 -4.82 -2.56
CA SER A 91 -6.51 -3.53 -2.52
C SER A 91 -6.15 -3.12 -3.95
N LEU A 92 -5.67 -4.06 -4.75
CA LEU A 92 -5.17 -3.74 -6.11
C LEU A 92 -6.34 -3.27 -6.97
N LEU A 93 -7.49 -3.94 -6.87
CA LEU A 93 -8.63 -3.63 -7.77
C LEU A 93 -9.29 -2.33 -7.30
N ILE A 94 -9.33 -2.06 -5.99
CA ILE A 94 -9.82 -0.74 -5.47
C ILE A 94 -9.02 0.34 -6.18
N MET A 95 -7.70 0.22 -6.20
CA MET A 95 -6.81 1.26 -6.76
C MET A 95 -6.96 1.28 -8.28
N ASP A 96 -6.90 0.13 -8.93
CA ASP A 96 -6.98 0.08 -10.41
C ASP A 96 -8.30 0.70 -10.87
N ASP A 97 -9.40 0.44 -10.17
CA ASP A 97 -10.72 0.97 -10.60
C ASP A 97 -10.70 2.49 -10.54
N LEU A 98 -10.07 3.07 -9.52
CA LEU A 98 -9.92 4.55 -9.44
C LEU A 98 -9.04 5.03 -10.61
N MET A 99 -7.92 4.38 -10.84
CA MET A 99 -6.96 4.77 -11.91
C MET A 99 -7.65 4.72 -13.29
N ASP A 100 -8.51 3.73 -13.52
CA ASP A 100 -9.15 3.49 -14.84
C ASP A 100 -10.53 4.16 -14.89
N ARG A 101 -10.98 4.78 -13.80
CA ARG A 101 -12.31 5.45 -13.68
C ARG A 101 -13.40 4.49 -14.15
N SER A 102 -13.34 3.22 -13.69
CA SER A 102 -14.30 2.17 -14.13
C SER A 102 -15.64 2.33 -13.40
N GLU A 103 -16.72 1.83 -14.00
CA GLU A 103 -18.09 1.93 -13.44
C GLU A 103 -18.33 0.79 -12.45
N THR A 104 -18.00 -0.45 -12.84
CA THR A 104 -18.35 -1.64 -12.05
C THR A 104 -17.18 -2.62 -12.01
N ARG A 105 -17.22 -3.48 -11.00
CA ARG A 105 -16.26 -4.59 -10.76
C ARG A 105 -17.08 -5.70 -10.11
N ARG A 106 -17.04 -6.93 -10.64
CA ARG A 106 -17.86 -8.08 -10.17
C ARG A 106 -19.34 -7.68 -10.16
N GLY A 107 -19.77 -6.83 -11.10
CA GLY A 107 -21.16 -6.36 -11.23
C GLY A 107 -21.61 -5.41 -10.11
N GLN A 108 -20.72 -4.96 -9.23
CA GLN A 108 -21.04 -3.92 -8.21
C GLN A 108 -20.42 -2.60 -8.67
N PRO A 109 -20.99 -1.43 -8.30
CA PRO A 109 -20.27 -0.17 -8.47
C PRO A 109 -18.88 -0.26 -7.83
N CYS A 110 -17.88 0.27 -8.53
CA CYS A 110 -16.50 0.38 -8.00
C CYS A 110 -16.53 1.16 -6.67
N TRP A 111 -15.70 0.72 -5.73
CA TRP A 111 -15.64 1.27 -4.36
C TRP A 111 -15.49 2.79 -4.40
N TYR A 112 -14.60 3.33 -5.25
CA TYR A 112 -14.27 4.77 -5.27
C TYR A 112 -15.52 5.59 -5.63
N ARG A 113 -16.50 4.96 -6.29
CA ARG A 113 -17.74 5.63 -6.73
C ARG A 113 -18.78 5.71 -5.60
N GLN A 114 -18.58 4.97 -4.49
CA GLN A 114 -19.51 4.99 -3.33
C GLN A 114 -19.45 6.37 -2.68
N GLU A 115 -20.60 6.85 -2.16
CA GLU A 115 -20.76 8.18 -1.51
C GLU A 115 -19.55 8.46 -0.61
N ASN A 116 -18.86 9.59 -0.84
CA ASN A 116 -17.82 10.17 0.07
C ASN A 116 -16.59 9.26 0.15
N VAL A 117 -16.31 8.51 -0.92
CA VAL A 117 -15.02 7.79 -1.07
C VAL A 117 -14.15 8.58 -2.07
N GLY A 118 -14.37 8.41 -3.37
CA GLY A 118 -13.54 9.05 -4.41
C GLY A 118 -12.07 8.75 -4.18
N PHE A 119 -11.23 9.76 -4.07
CA PHE A 119 -9.76 9.57 -3.97
C PHE A 119 -9.39 9.02 -2.59
N LEU A 120 -10.31 9.00 -1.62
CA LEU A 120 -10.04 8.30 -0.33
C LEU A 120 -9.91 6.81 -0.59
N ALA A 121 -10.31 6.30 -1.74
CA ALA A 121 -10.06 4.90 -2.14
C ALA A 121 -8.56 4.60 -2.10
N ILE A 122 -7.71 5.60 -2.30
CA ILE A 122 -6.23 5.37 -2.23
C ILE A 122 -5.89 4.93 -0.81
N ASN A 123 -6.36 5.67 0.20
CA ASN A 123 -6.13 5.29 1.61
C ASN A 123 -6.73 3.90 1.87
N ASP A 124 -7.94 3.61 1.38
CA ASP A 124 -8.58 2.28 1.60
C ASP A 124 -7.73 1.18 0.95
N CYS A 125 -7.19 1.40 -0.25
CA CYS A 125 -6.27 0.44 -0.93
C CYS A 125 -5.11 0.13 0.03
N LEU A 126 -4.40 1.16 0.49
CA LEU A 126 -3.18 0.96 1.31
C LEU A 126 -3.57 0.26 2.61
N HIS A 127 -4.73 0.60 3.15
CA HIS A 127 -5.24 0.02 4.41
C HIS A 127 -5.51 -1.47 4.22
N VAL A 128 -6.22 -1.84 3.17
CA VAL A 128 -6.59 -3.26 2.94
C VAL A 128 -5.30 -4.07 2.70
N GLU A 129 -4.35 -3.52 1.95
CA GLU A 129 -3.08 -4.26 1.71
C GLU A 129 -2.36 -4.43 3.05
N SER A 130 -2.26 -3.37 3.86
CA SER A 130 -1.53 -3.42 5.15
C SER A 130 -2.18 -4.47 6.06
N SER A 131 -3.51 -4.63 5.97
CA SER A 131 -4.28 -5.49 6.89
C SER A 131 -3.83 -6.95 6.77
N LEU A 132 -3.43 -7.41 5.58
CA LEU A 132 -3.10 -8.86 5.43
C LEU A 132 -1.92 -9.23 6.33
N TYR A 133 -0.99 -8.31 6.58
CA TYR A 133 0.21 -8.59 7.43
C TYR A 133 -0.22 -8.79 8.89
N SER A 134 -1.29 -8.11 9.31
CA SER A 134 -1.86 -8.31 10.67
CA SER A 134 -1.88 -8.29 10.67
C SER A 134 -2.45 -9.71 10.78
N VAL A 135 -3.09 -10.18 9.70
CA VAL A 135 -3.64 -11.55 9.66
C VAL A 135 -2.48 -12.52 9.73
N LEU A 136 -1.41 -12.28 8.97
CA LEU A 136 -0.24 -13.18 8.96
C LEU A 136 0.34 -13.26 10.37
N ARG A 137 0.49 -12.11 11.04
CA ARG A 137 1.07 -12.10 12.40
C ARG A 137 0.20 -12.94 13.34
N LYS A 138 -1.12 -12.78 13.29
CA LYS A 138 -2.00 -13.49 14.24
C LYS A 138 -1.81 -15.00 14.08
N TYR A 139 -1.83 -15.52 12.87
CA TYR A 139 -2.00 -16.98 12.65
C TYR A 139 -0.68 -17.69 12.33
N PHE A 140 0.36 -16.98 11.90
CA PHE A 140 1.59 -17.61 11.36
C PHE A 140 2.86 -17.20 12.10
N SER A 141 2.83 -16.27 13.06
CA SER A 141 4.07 -15.69 13.64
C SER A 141 4.93 -16.76 14.33
N HIS A 142 4.32 -17.88 14.75
CA HIS A 142 5.01 -18.96 15.51
C HIS A 142 5.52 -20.05 14.54
N LEU A 143 5.27 -19.96 13.23
CA LEU A 143 5.58 -21.03 12.25
C LEU A 143 6.81 -20.67 11.41
N PRO A 144 7.62 -21.67 10.99
CA PRO A 144 8.79 -21.38 10.16
C PRO A 144 8.49 -20.67 8.84
N CYS A 145 7.27 -20.79 8.33
CA CYS A 145 6.90 -20.20 7.03
C CYS A 145 6.60 -18.70 7.16
N TYR A 146 6.60 -18.15 8.38
CA TYR A 146 6.13 -16.77 8.64
C TYR A 146 6.89 -15.76 7.78
N VAL A 147 8.21 -15.74 7.92
CA VAL A 147 9.04 -14.69 7.27
C VAL A 147 9.03 -14.89 5.76
N PRO A 148 9.25 -16.10 5.20
CA PRO A 148 9.13 -16.30 3.75
C PRO A 148 7.78 -15.82 3.19
N ILE A 149 6.70 -16.03 3.93
CA ILE A 149 5.35 -15.61 3.49
C ILE A 149 5.27 -14.08 3.51
N ILE A 150 5.65 -13.42 4.60
CA ILE A 150 5.67 -11.93 4.65
C ILE A 150 6.47 -11.41 3.44
N GLU A 151 7.68 -11.94 3.24
CA GLU A 151 8.59 -11.43 2.19
C GLU A 151 7.96 -11.65 0.81
N LEU A 152 7.27 -12.76 0.61
CA LEU A 152 6.62 -13.06 -0.69
C LEU A 152 5.52 -12.02 -0.94
N PHE A 153 4.67 -11.72 0.04
CA PHE A 153 3.60 -10.72 -0.14
C PHE A 153 4.23 -9.37 -0.48
N HIS A 154 5.26 -8.93 0.26
CA HIS A 154 5.87 -7.60 -0.02
C HIS A 154 6.47 -7.60 -1.43
N ASP A 155 7.16 -8.66 -1.81
CA ASP A 155 7.83 -8.73 -3.15
C ASP A 155 6.75 -8.74 -4.24
N VAL A 156 5.69 -9.52 -4.07
CA VAL A 156 4.63 -9.59 -5.11
C VAL A 156 3.95 -8.22 -5.19
N ASN A 157 3.78 -7.50 -4.08
CA ASN A 157 3.19 -6.14 -4.15
C ASN A 157 4.08 -5.22 -4.98
N PHE A 158 5.39 -5.26 -4.72
CA PHE A 158 6.38 -4.43 -5.45
C PHE A 158 6.32 -4.78 -6.95
N LYS A 159 6.38 -6.06 -7.28
CA LYS A 159 6.39 -6.51 -8.69
C LYS A 159 5.07 -6.14 -9.39
N THR A 160 3.95 -6.24 -8.68
CA THR A 160 2.63 -5.93 -9.26
C THR A 160 2.59 -4.42 -9.59
N ASN A 161 3.15 -3.60 -8.72
CA ASN A 161 3.27 -2.14 -8.97
C ASN A 161 4.13 -1.90 -10.20
N MET A 162 5.24 -2.61 -10.38
CA MET A 162 6.06 -2.45 -11.61
C MET A 162 5.17 -2.76 -12.81
N GLY A 163 4.35 -3.82 -12.74
CA GLY A 163 3.45 -4.18 -13.85
C GLY A 163 2.45 -3.07 -14.14
N GLN A 164 1.84 -2.52 -13.11
CA GLN A 164 0.79 -1.47 -13.26
C GLN A 164 1.42 -0.22 -13.88
N SER A 165 2.62 0.15 -13.43
CA SER A 165 3.36 1.32 -13.96
C SER A 165 3.79 1.05 -15.41
N LEU A 166 4.17 -0.18 -15.74
CA LEU A 166 4.58 -0.51 -17.13
C LEU A 166 3.36 -0.40 -18.04
N ASP A 167 2.21 -0.88 -17.56
CA ASP A 167 0.92 -0.77 -18.29
C ASP A 167 0.65 0.71 -18.57
N ALA A 168 0.90 1.58 -17.59
CA ALA A 168 0.65 3.03 -17.72
C ALA A 168 1.62 3.68 -18.73
N LEU A 169 2.81 3.10 -18.94
CA LEU A 169 3.81 3.63 -19.92
C LEU A 169 3.37 3.28 -21.35
N CYS A 170 2.22 2.62 -21.52
CA CYS A 170 1.59 2.36 -22.85
C CYS A 170 0.54 3.43 -23.20
N MET A 171 0.35 4.42 -22.32
CA MET A 171 -0.65 5.50 -22.47
C MET A 171 0.06 6.83 -22.25
N LYS A 172 -0.36 7.88 -22.96
CA LYS A 172 0.10 9.28 -22.72
C LYS A 172 -1.13 10.17 -22.76
N ASP A 173 -1.43 10.87 -21.66
CA ASP A 173 -2.58 11.81 -21.54
C ASP A 173 -3.88 11.09 -21.93
N GLY A 174 -4.03 9.82 -21.57
CA GLY A 174 -5.26 9.02 -21.81
C GLY A 174 -5.39 8.51 -23.24
N ARG A 175 -4.32 8.59 -24.05
CA ARG A 175 -4.29 8.04 -25.43
C ARG A 175 -3.27 6.91 -25.51
N PRO A 176 -3.61 5.77 -26.14
CA PRO A 176 -2.64 4.68 -26.30
C PRO A 176 -1.45 5.13 -27.15
N ILE A 177 -0.26 4.71 -26.73
CA ILE A 177 1.02 4.86 -27.49
C ILE A 177 1.24 3.53 -28.23
N LEU A 178 0.77 3.42 -29.46
CA LEU A 178 0.75 2.11 -30.17
C LEU A 178 2.18 1.64 -30.46
N SER A 179 3.16 2.53 -30.56
CA SER A 179 4.57 2.13 -30.75
C SER A 179 5.03 1.29 -29.56
N GLN A 180 4.38 1.44 -28.40
CA GLN A 180 4.69 0.70 -27.14
C GLN A 180 4.08 -0.71 -27.17
N PHE A 181 3.14 -0.99 -28.10
CA PHE A 181 2.33 -2.24 -28.12
C PHE A 181 3.12 -3.35 -28.84
N THR A 182 4.17 -3.83 -28.18
CA THR A 182 5.02 -4.96 -28.63
C THR A 182 4.67 -6.19 -27.81
N MET A 183 4.86 -7.38 -28.36
CA MET A 183 4.60 -8.66 -27.65
C MET A 183 5.53 -8.72 -26.42
N LYS A 184 6.75 -8.20 -26.54
CA LYS A 184 7.75 -8.18 -25.44
C LYS A 184 7.18 -7.37 -24.26
N ARG A 185 6.65 -6.18 -24.52
CA ARG A 185 6.10 -5.30 -23.46
C ARG A 185 4.83 -5.94 -22.89
N TYR A 186 3.96 -6.45 -23.76
CA TYR A 186 2.72 -7.15 -23.37
C TYR A 186 3.08 -8.28 -22.41
N SER A 187 4.02 -9.15 -22.78
CA SER A 187 4.40 -10.32 -21.96
C SER A 187 4.86 -9.85 -20.59
N SER A 188 5.67 -8.79 -20.54
CA SER A 188 6.20 -8.21 -19.28
C SER A 188 5.04 -7.65 -18.44
N ILE A 189 4.10 -6.95 -19.04
CA ILE A 189 2.94 -6.39 -18.29
C ILE A 189 2.20 -7.57 -17.63
N VAL A 190 1.89 -8.59 -18.41
CA VAL A 190 1.06 -9.71 -17.90
C VAL A 190 1.79 -10.41 -16.75
N LYS A 191 3.08 -10.66 -16.92
CA LYS A 191 3.91 -11.35 -15.91
C LYS A 191 3.85 -10.56 -14.59
N TYR A 192 4.17 -9.27 -14.62
CA TYR A 192 4.37 -8.45 -13.39
C TYR A 192 3.02 -8.00 -12.83
N LYS A 193 2.12 -7.51 -13.68
CA LYS A 193 0.83 -6.95 -13.23
C LYS A 193 -0.14 -8.04 -12.75
N THR A 194 -0.09 -9.25 -13.29
CA THR A 194 -1.19 -10.22 -13.07
C THR A 194 -0.66 -11.59 -12.65
N SER A 195 0.31 -12.15 -13.37
CA SER A 195 0.68 -13.58 -13.21
C SER A 195 1.33 -13.79 -11.83
N TYR A 196 2.14 -12.84 -11.35
CA TYR A 196 2.82 -13.00 -10.04
C TYR A 196 1.77 -13.19 -8.94
N TYR A 197 0.77 -12.29 -8.83
CA TYR A 197 -0.18 -12.36 -7.69
C TYR A 197 -1.24 -13.42 -7.96
N THR A 198 -1.55 -13.71 -9.23
CA THR A 198 -2.68 -14.59 -9.56
C THR A 198 -2.25 -16.06 -9.52
N PHE A 199 -1.07 -16.37 -10.05
CA PHE A 199 -0.59 -17.76 -10.25
C PHE A 199 0.59 -18.07 -9.33
N GLN A 200 1.64 -17.23 -9.29
CA GLN A 200 2.85 -17.57 -8.49
C GLN A 200 2.50 -17.56 -7.00
N LEU A 201 1.78 -16.53 -6.56
CA LEU A 201 1.57 -16.28 -5.11
C LEU A 201 0.80 -17.44 -4.49
N PRO A 202 -0.38 -17.88 -4.98
CA PRO A 202 -1.06 -19.03 -4.38
C PRO A 202 -0.19 -20.29 -4.28
N VAL A 203 0.55 -20.61 -5.34
CA VAL A 203 1.36 -21.86 -5.38
C VAL A 203 2.56 -21.72 -4.42
N SER A 204 3.25 -20.59 -4.46
CA SER A 204 4.39 -20.33 -3.53
C SER A 204 3.89 -20.33 -2.08
N LEU A 205 2.70 -19.80 -1.79
CA LEU A 205 2.15 -19.89 -0.40
C LEU A 205 1.92 -21.35 -0.02
N GLY A 206 1.31 -22.15 -0.90
CA GLY A 206 1.09 -23.59 -0.66
C GLY A 206 2.41 -24.25 -0.36
N MET A 207 3.45 -23.90 -1.11
CA MET A 207 4.78 -24.53 -0.96
C MET A 207 5.35 -24.16 0.41
N TYR A 208 5.33 -22.88 0.78
CA TYR A 208 5.87 -22.46 2.09
C TYR A 208 5.12 -23.13 3.25
N LEU A 209 3.79 -23.20 3.19
CA LEU A 209 3.01 -23.82 4.30
C LEU A 209 3.37 -25.32 4.38
N ALA A 210 3.74 -25.92 3.24
CA ALA A 210 4.24 -27.33 3.16
C ALA A 210 5.73 -27.41 3.49
N ASP A 211 6.33 -26.33 3.99
CA ASP A 211 7.78 -26.23 4.35
C ASP A 211 8.65 -26.63 3.16
N MET A 212 8.26 -26.23 1.95
CA MET A 212 9.08 -26.41 0.71
C MET A 212 9.76 -25.07 0.43
N TYR A 213 11.05 -24.92 0.75
CA TYR A 213 11.76 -23.62 0.69
C TYR A 213 12.83 -23.61 -0.39
N ASP A 214 13.00 -24.73 -1.10
CA ASP A 214 14.03 -24.91 -2.16
C ASP A 214 13.78 -23.84 -3.23
N PRO A 215 14.66 -22.83 -3.39
CA PRO A 215 14.43 -21.77 -4.37
C PRO A 215 14.26 -22.33 -5.79
N GLU A 216 14.89 -23.48 -6.09
CA GLU A 216 14.83 -24.10 -7.45
C GLU A 216 13.43 -24.70 -7.69
N GLN A 217 12.81 -25.29 -6.66
CA GLN A 217 11.40 -25.77 -6.75
C GLN A 217 10.49 -24.55 -7.05
N HIS A 218 10.73 -23.43 -6.38
CA HIS A 218 9.94 -22.18 -6.56
C HIS A 218 10.17 -21.66 -7.99
N ARG A 219 11.42 -21.70 -8.47
CA ARG A 219 11.81 -21.28 -9.85
C ARG A 219 11.10 -22.14 -10.90
N GLN A 220 11.09 -23.47 -10.73
CA GLN A 220 10.50 -24.38 -11.74
C GLN A 220 8.98 -24.17 -11.80
N ALA A 221 8.34 -24.03 -10.65
CA ALA A 221 6.89 -23.71 -10.54
C ALA A 221 6.65 -22.41 -11.32
N LYS A 222 7.49 -21.40 -11.08
CA LYS A 222 7.32 -20.06 -11.66
C LYS A 222 7.38 -20.13 -13.20
N THR A 223 8.35 -20.85 -13.77
CA THR A 223 8.45 -20.96 -15.25
C THR A 223 7.11 -21.42 -15.83
N ILE A 224 6.51 -22.47 -15.26
CA ILE A 224 5.22 -23.03 -15.77
C ILE A 224 4.09 -22.04 -15.49
N LEU A 225 4.04 -21.47 -14.29
CA LEU A 225 2.88 -20.61 -13.90
C LEU A 225 2.89 -19.32 -14.74
N MET A 226 4.05 -18.79 -15.10
CA MET A 226 4.14 -17.59 -15.97
C MET A 226 3.63 -17.94 -17.38
N GLU A 227 3.89 -19.15 -17.87
CA GLU A 227 3.41 -19.59 -19.21
C GLU A 227 1.88 -19.71 -19.18
N ILE A 228 1.34 -20.33 -18.13
CA ILE A 228 -0.13 -20.55 -18.00
C ILE A 228 -0.77 -19.16 -17.85
N GLY A 229 -0.14 -18.28 -17.06
CA GLY A 229 -0.69 -16.94 -16.80
C GLY A 229 -0.74 -16.12 -18.08
N GLU A 230 0.26 -16.28 -18.96
CA GLU A 230 0.28 -15.57 -20.26
C GLU A 230 -0.90 -16.05 -21.11
N PHE A 231 -1.13 -17.36 -21.23
CA PHE A 231 -2.32 -17.84 -21.97
C PHE A 231 -3.60 -17.31 -21.30
N ALA A 232 -3.69 -17.35 -19.97
CA ALA A 232 -4.91 -16.94 -19.25
C ALA A 232 -5.27 -15.50 -19.65
N GLN A 233 -4.29 -14.60 -19.68
CA GLN A 233 -4.56 -13.17 -19.96
C GLN A 233 -4.88 -13.01 -21.46
N ILE A 234 -4.22 -13.78 -22.31
CA ILE A 234 -4.47 -13.70 -23.78
C ILE A 234 -5.91 -14.16 -24.03
N GLN A 235 -6.34 -15.25 -23.40
CA GLN A 235 -7.73 -15.74 -23.54
C GLN A 235 -8.71 -14.66 -23.07
N ASP A 236 -8.43 -14.03 -21.94
CA ASP A 236 -9.27 -12.96 -21.34
C ASP A 236 -9.36 -11.81 -22.35
N ASP A 237 -8.23 -11.41 -22.92
CA ASP A 237 -8.17 -10.32 -23.93
C ASP A 237 -9.03 -10.71 -25.13
N PHE A 238 -8.85 -11.92 -25.63
CA PHE A 238 -9.63 -12.44 -26.79
C PHE A 238 -11.12 -12.32 -26.51
N LEU A 239 -11.56 -12.82 -25.34
CA LEU A 239 -13.01 -12.88 -25.02
C LEU A 239 -13.57 -11.49 -24.76
N ASP A 240 -12.73 -10.52 -24.40
CA ASP A 240 -13.21 -9.13 -24.18
C ASP A 240 -13.88 -8.63 -25.47
N ALA A 241 -13.30 -8.95 -26.63
CA ALA A 241 -13.83 -8.51 -27.95
C ALA A 241 -14.75 -9.56 -28.57
N PHE A 242 -14.44 -10.86 -28.43
CA PHE A 242 -15.09 -11.95 -29.21
C PHE A 242 -15.96 -12.85 -28.32
N GLY A 243 -15.96 -12.62 -27.01
CA GLY A 243 -16.84 -13.32 -26.07
C GLY A 243 -18.30 -12.97 -26.31
N ASP A 244 -19.18 -13.88 -25.93
CA ASP A 244 -20.65 -13.67 -25.94
C ASP A 244 -21.07 -13.08 -24.59
N SER A 245 -21.61 -11.86 -24.56
CA SER A 245 -22.29 -11.25 -23.38
C SER A 245 -23.44 -12.15 -22.94
N LYS A 250 -20.47 -9.86 -19.08
CA LYS A 250 -19.67 -8.60 -19.02
C LYS A 250 -19.48 -8.08 -20.45
N VAL A 251 -19.82 -6.81 -20.70
CA VAL A 251 -19.61 -6.12 -22.02
C VAL A 251 -18.17 -5.56 -22.03
N GLY A 252 -17.34 -6.05 -22.96
CA GLY A 252 -15.91 -5.72 -23.03
C GLY A 252 -15.68 -4.28 -23.48
N THR A 253 -14.77 -3.57 -22.79
CA THR A 253 -14.45 -2.13 -23.04
C THR A 253 -12.95 -1.94 -23.26
N ASP A 254 -12.19 -3.01 -23.50
CA ASP A 254 -10.72 -2.91 -23.66
C ASP A 254 -10.39 -1.94 -24.79
N ILE A 255 -11.14 -1.97 -25.90
CA ILE A 255 -10.83 -1.14 -27.10
C ILE A 255 -10.99 0.34 -26.73
N LYS A 256 -12.16 0.71 -26.21
CA LYS A 256 -12.54 2.07 -25.71
C LYS A 256 -11.46 2.56 -24.72
N GLU A 257 -10.97 1.67 -23.84
CA GLU A 257 -10.01 2.05 -22.77
C GLU A 257 -8.59 2.19 -23.34
N GLY A 258 -8.34 1.72 -24.56
CA GLY A 258 -7.00 1.78 -25.19
C GLY A 258 -6.03 0.79 -24.56
N LYS A 259 -6.52 -0.36 -24.09
CA LYS A 259 -5.70 -1.32 -23.32
C LYS A 259 -4.63 -1.91 -24.25
N CYS A 260 -3.44 -2.18 -23.71
CA CYS A 260 -2.42 -3.00 -24.39
C CYS A 260 -2.84 -4.47 -24.31
N SER A 261 -3.81 -4.84 -25.15
CA SER A 261 -4.43 -6.19 -25.22
C SER A 261 -3.65 -7.02 -26.23
N TRP A 262 -3.67 -8.33 -26.07
CA TRP A 262 -3.06 -9.24 -27.05
C TRP A 262 -3.64 -8.96 -28.44
N LEU A 263 -4.95 -8.70 -28.54
CA LEU A 263 -5.61 -8.44 -29.84
C LEU A 263 -4.96 -7.21 -30.50
N ALA A 264 -4.76 -6.12 -29.76
CA ALA A 264 -4.15 -4.87 -30.28
C ALA A 264 -2.70 -5.16 -30.70
N VAL A 265 -1.94 -5.89 -29.88
CA VAL A 265 -0.51 -6.19 -30.18
C VAL A 265 -0.41 -7.00 -31.49
N VAL A 266 -1.20 -8.06 -31.62
CA VAL A 266 -1.14 -8.95 -32.81
C VAL A 266 -1.70 -8.21 -34.04
N ALA A 267 -2.76 -7.42 -33.87
CA ALA A 267 -3.31 -6.56 -34.94
C ALA A 267 -2.19 -5.68 -35.49
N LEU A 268 -1.36 -5.09 -34.62
CA LEU A 268 -0.30 -4.16 -35.07
C LEU A 268 0.79 -4.96 -35.81
N GLN A 269 1.10 -6.18 -35.37
CA GLN A 269 2.08 -7.07 -36.07
C GLN A 269 1.60 -7.34 -37.50
N ARG A 270 0.30 -7.58 -37.68
CA ARG A 270 -0.30 -8.12 -38.93
C ARG A 270 -0.73 -6.99 -39.88
N SER A 271 -0.82 -5.74 -39.40
CA SER A 271 -1.45 -4.60 -40.11
C SER A 271 -0.55 -4.08 -41.24
N ASN A 272 -1.12 -3.84 -42.42
CA ASN A 272 -0.49 -3.02 -43.49
C ASN A 272 -0.59 -1.56 -43.02
N PRO A 273 0.07 -0.59 -43.70
CA PRO A 273 0.00 0.81 -43.26
C PRO A 273 -1.42 1.37 -43.13
N ALA A 274 -2.33 1.01 -44.05
CA ALA A 274 -3.74 1.47 -44.03
C ALA A 274 -4.45 0.94 -42.78
N GLN A 275 -4.18 -0.31 -42.42
CA GLN A 275 -4.77 -0.96 -41.22
C GLN A 275 -4.17 -0.35 -39.96
N ARG A 276 -2.85 -0.09 -39.95
CA ARG A 276 -2.15 0.63 -38.85
C ARG A 276 -2.84 1.98 -38.61
N GLN A 277 -3.17 2.73 -39.66
CA GLN A 277 -3.79 4.07 -39.54
C GLN A 277 -5.19 3.97 -38.89
N ILE A 278 -5.94 2.90 -39.16
CA ILE A 278 -7.26 2.67 -38.52
C ILE A 278 -7.05 2.49 -37.01
N MET A 279 -6.04 1.71 -36.61
CA MET A 279 -5.66 1.55 -35.18
C MET A 279 -5.28 2.92 -34.61
N GLU A 280 -4.40 3.66 -35.29
CA GLU A 280 -3.92 4.98 -34.82
C GLU A 280 -5.13 5.92 -34.62
N GLU A 281 -6.08 5.91 -35.56
CA GLU A 281 -7.22 6.84 -35.57
C GLU A 281 -8.29 6.45 -34.53
N HIS A 282 -8.55 5.16 -34.33
CA HIS A 282 -9.81 4.68 -33.69
C HIS A 282 -9.56 3.93 -32.39
N TYR A 283 -8.35 3.43 -32.14
CA TYR A 283 -8.08 2.65 -30.91
C TYR A 283 -8.09 3.59 -29.70
N GLY A 284 -8.82 3.23 -28.65
CA GLY A 284 -8.87 4.00 -27.40
C GLY A 284 -9.71 5.26 -27.51
N ARG A 285 -10.67 5.29 -28.44
CA ARG A 285 -11.62 6.43 -28.57
C ARG A 285 -12.91 6.06 -27.83
N PRO A 286 -13.65 7.05 -27.27
CA PRO A 286 -14.90 6.77 -26.55
C PRO A 286 -16.14 6.42 -27.41
N GLU A 287 -16.15 6.85 -28.67
CA GLU A 287 -17.33 6.73 -29.57
C GLU A 287 -17.59 5.25 -29.87
N PRO A 288 -18.84 4.75 -29.70
CA PRO A 288 -19.14 3.35 -29.98
C PRO A 288 -18.71 2.88 -31.39
N GLU A 289 -18.82 3.75 -32.40
CA GLU A 289 -18.51 3.38 -33.81
C GLU A 289 -17.01 3.11 -33.96
N SER A 290 -16.14 3.74 -33.16
CA SER A 290 -14.67 3.50 -33.18
C SER A 290 -14.36 2.09 -32.63
N THR A 291 -15.04 1.65 -31.58
CA THR A 291 -14.93 0.26 -31.04
C THR A 291 -15.34 -0.72 -32.14
N GLN A 292 -16.44 -0.44 -32.84
CA GLN A 292 -16.95 -1.30 -33.94
C GLN A 292 -15.89 -1.40 -35.04
N ILE A 293 -15.31 -0.28 -35.46
CA ILE A 293 -14.24 -0.25 -36.50
C ILE A 293 -13.06 -1.14 -36.07
N ILE A 294 -12.66 -1.05 -34.81
CA ILE A 294 -11.50 -1.86 -34.34
C ILE A 294 -11.89 -3.35 -34.34
N LYS A 295 -13.05 -3.70 -33.82
CA LYS A 295 -13.53 -5.11 -33.82
C LYS A 295 -13.55 -5.63 -35.27
N ASN A 296 -14.04 -4.82 -36.21
CA ASN A 296 -14.17 -5.22 -37.63
C ASN A 296 -12.76 -5.44 -38.19
N LEU A 297 -11.77 -4.63 -37.80
CA LEU A 297 -10.38 -4.78 -38.27
C LEU A 297 -9.80 -6.09 -37.70
N TYR A 298 -10.10 -6.39 -36.44
CA TYR A 298 -9.65 -7.67 -35.83
C TYR A 298 -10.19 -8.86 -36.63
N ILE A 299 -11.45 -8.77 -37.06
CA ILE A 299 -12.07 -9.81 -37.93
C ILE A 299 -11.34 -9.87 -39.28
N GLU A 300 -11.14 -8.71 -39.92
CA GLU A 300 -10.41 -8.60 -41.21
C GLU A 300 -9.03 -9.25 -41.09
N LEU A 301 -8.33 -9.05 -39.97
CA LEU A 301 -6.93 -9.54 -39.81
C LEU A 301 -6.91 -11.02 -39.37
N GLY A 302 -8.07 -11.63 -39.18
CA GLY A 302 -8.19 -13.07 -38.83
C GLY A 302 -7.71 -13.36 -37.42
N LEU A 303 -7.98 -12.47 -36.46
CA LEU A 303 -7.50 -12.68 -35.07
C LEU A 303 -8.20 -13.88 -34.46
N PRO A 304 -9.49 -14.18 -34.73
CA PRO A 304 -10.10 -15.41 -34.21
C PRO A 304 -9.31 -16.69 -34.55
N ALA A 305 -8.92 -16.86 -35.81
CA ALA A 305 -8.14 -18.05 -36.26
C ALA A 305 -6.77 -18.05 -35.54
N THR A 306 -6.15 -16.87 -35.42
CA THR A 306 -4.81 -16.72 -34.79
C THR A 306 -4.92 -17.14 -33.33
N PHE A 307 -6.00 -16.76 -32.66
CA PHE A 307 -6.19 -17.14 -31.23
C PHE A 307 -6.35 -18.68 -31.15
N ALA A 308 -7.18 -19.24 -32.04
CA ALA A 308 -7.49 -20.69 -32.05
C ALA A 308 -6.17 -21.48 -32.19
N VAL A 309 -5.26 -21.04 -33.07
CA VAL A 309 -3.95 -21.70 -33.29
C VAL A 309 -3.11 -21.54 -32.02
N TYR A 310 -3.09 -20.34 -31.44
CA TYR A 310 -2.28 -20.03 -30.22
C TYR A 310 -2.78 -20.91 -29.06
N GLU A 311 -4.10 -21.07 -28.93
CA GLU A 311 -4.72 -21.88 -27.84
C GLU A 311 -4.22 -23.32 -27.95
N GLU A 312 -4.22 -23.88 -29.16
CA GLU A 312 -3.80 -25.28 -29.42
C GLU A 312 -2.30 -25.42 -29.12
N GLU A 313 -1.47 -24.53 -29.69
CA GLU A 313 0.01 -24.64 -29.63
C GLU A 313 0.47 -24.42 -28.20
N SER A 314 -0.06 -23.41 -27.50
CA SER A 314 0.34 -23.06 -26.11
C SER A 314 -0.01 -24.21 -25.16
N PHE A 315 -1.19 -24.82 -25.32
CA PHE A 315 -1.63 -25.99 -24.51
C PHE A 315 -0.59 -27.10 -24.62
N ASN A 316 -0.21 -27.44 -25.85
CA ASN A 316 0.73 -28.56 -26.14
C ASN A 316 2.11 -28.24 -25.57
N ILE A 317 2.59 -26.99 -25.72
CA ILE A 317 3.94 -26.56 -25.25
C ILE A 317 3.97 -26.61 -23.71
N ILE A 318 2.92 -26.12 -23.05
CA ILE A 318 2.89 -26.08 -21.56
C ILE A 318 2.80 -27.53 -21.04
N ARG A 319 1.96 -28.39 -21.63
CA ARG A 319 1.83 -29.81 -21.19
C ARG A 319 3.21 -30.46 -21.27
N THR A 320 3.95 -30.22 -22.36
CA THR A 320 5.35 -30.73 -22.56
C THR A 320 6.24 -30.26 -21.40
N HIS A 321 6.22 -28.97 -21.09
CA HIS A 321 7.07 -28.37 -20.02
C HIS A 321 6.74 -28.96 -18.66
N ILE A 322 5.46 -29.25 -18.39
CA ILE A 322 5.01 -29.84 -17.09
C ILE A 322 5.59 -31.26 -16.97
N HIS A 323 5.54 -32.06 -18.04
CA HIS A 323 6.11 -33.43 -18.06
C HIS A 323 7.60 -33.38 -17.69
N GLN A 324 8.30 -32.27 -17.96
CA GLN A 324 9.77 -32.11 -17.78
C GLN A 324 10.11 -31.51 -16.40
N ILE A 325 9.10 -31.15 -15.60
CA ILE A 325 9.27 -30.55 -14.24
C ILE A 325 10.01 -31.56 -13.36
N SER A 326 11.07 -31.12 -12.67
CA SER A 326 11.97 -31.98 -11.87
C SER A 326 11.21 -32.53 -10.65
N LYS A 327 11.55 -33.75 -10.24
CA LYS A 327 10.86 -34.47 -9.14
C LYS A 327 10.73 -33.53 -7.94
N GLY A 328 9.79 -33.87 -7.07
CA GLY A 328 9.48 -33.06 -5.88
C GLY A 328 8.17 -32.34 -6.07
N LEU A 329 7.93 -31.79 -7.28
CA LEU A 329 6.69 -31.04 -7.58
C LEU A 329 5.67 -31.99 -8.20
N PRO A 330 4.40 -31.95 -7.72
CA PRO A 330 3.33 -32.76 -8.28
C PRO A 330 2.84 -32.17 -9.62
N HIS A 331 3.11 -32.90 -10.71
CA HIS A 331 2.65 -32.58 -12.09
C HIS A 331 1.13 -32.35 -12.05
N ASP A 332 0.42 -33.15 -11.25
CA ASP A 332 -1.06 -33.10 -11.11
C ASP A 332 -1.50 -31.67 -10.77
N LEU A 333 -0.76 -30.96 -9.91
CA LEU A 333 -1.15 -29.58 -9.50
C LEU A 333 -1.17 -28.67 -10.73
N PHE A 334 -0.11 -28.74 -11.54
CA PHE A 334 0.06 -27.86 -12.75
C PHE A 334 -0.95 -28.25 -13.83
N PHE A 335 -1.21 -29.55 -14.01
CA PHE A 335 -2.24 -30.02 -14.96
C PHE A 335 -3.61 -29.55 -14.52
N LYS A 336 -3.87 -29.51 -13.21
CA LYS A 336 -5.19 -29.11 -12.66
C LYS A 336 -5.39 -27.61 -12.95
N ILE A 337 -4.33 -26.82 -12.82
CA ILE A 337 -4.35 -25.35 -13.12
C ILE A 337 -4.59 -25.17 -14.62
N MET A 338 -3.84 -25.88 -15.47
CA MET A 338 -4.05 -25.86 -16.96
C MET A 338 -5.53 -26.12 -17.26
N LYS A 339 -6.09 -27.20 -16.72
CA LYS A 339 -7.49 -27.62 -17.01
C LYS A 339 -8.47 -26.52 -16.62
N LYS A 340 -8.24 -25.83 -15.49
CA LYS A 340 -9.08 -24.70 -15.03
C LYS A 340 -9.07 -23.59 -16.10
N ILE A 341 -7.89 -23.28 -16.67
CA ILE A 341 -7.70 -22.09 -17.54
C ILE A 341 -8.16 -22.44 -18.97
N TYR A 342 -7.74 -23.60 -19.47
CA TYR A 342 -8.00 -24.03 -20.88
C TYR A 342 -9.37 -24.73 -20.99
N LYS A 343 -9.98 -25.08 -19.85
CA LYS A 343 -11.21 -25.91 -19.73
C LYS A 343 -11.04 -27.20 -20.56
N ARG A 344 -9.94 -27.92 -20.32
CA ARG A 344 -9.64 -29.28 -20.85
C ARG A 344 -8.36 -29.80 -20.20
N PHE B 3 21.21 18.31 13.91
CA PHE B 3 22.03 17.18 13.41
C PHE B 3 23.39 17.71 12.95
N SER B 4 24.46 16.98 13.27
CA SER B 4 25.84 17.40 12.93
C SER B 4 26.04 17.28 11.42
N LYS B 5 27.05 17.95 10.89
CA LYS B 5 27.46 17.84 9.47
C LYS B 5 27.77 16.36 9.17
N GLU B 6 28.49 15.70 10.07
CA GLU B 6 28.94 14.29 9.91
C GLU B 6 27.69 13.41 9.81
N GLU B 7 26.74 13.55 10.75
CA GLU B 7 25.48 12.75 10.78
C GLU B 7 24.71 12.95 9.47
N SER B 8 24.56 14.20 9.06
CA SER B 8 23.78 14.58 7.85
C SER B 8 24.44 13.99 6.61
N ARG B 9 25.76 14.16 6.48
CA ARG B 9 26.50 13.73 5.25
C ARG B 9 26.51 12.20 5.20
N GLU B 10 26.76 11.54 6.33
CA GLU B 10 26.79 10.06 6.34
C GLU B 10 25.39 9.54 5.93
N PHE B 11 24.34 10.16 6.46
CA PHE B 11 22.95 9.72 6.18
C PHE B 11 22.67 9.91 4.67
N MET B 12 23.00 11.09 4.14
CA MET B 12 22.70 11.39 2.72
C MET B 12 23.48 10.44 1.80
N ALA B 13 24.67 9.98 2.21
CA ALA B 13 25.54 9.09 1.41
C ALA B 13 24.85 7.74 1.15
N ILE B 14 23.89 7.34 1.98
CA ILE B 14 23.19 6.04 1.86
C ILE B 14 22.19 6.09 0.69
N PHE B 15 21.57 7.24 0.43
CA PHE B 15 20.39 7.32 -0.45
C PHE B 15 20.69 6.72 -1.84
N PRO B 16 21.80 7.06 -2.52
CA PRO B 16 22.03 6.53 -3.87
C PRO B 16 22.10 5.00 -3.91
N ASP B 17 22.58 4.37 -2.81
CA ASP B 17 22.62 2.90 -2.70
C ASP B 17 21.19 2.35 -2.64
N ILE B 18 20.32 2.98 -1.85
CA ILE B 18 18.89 2.60 -1.70
C ILE B 18 18.27 2.59 -3.11
N VAL B 19 18.48 3.66 -3.88
CA VAL B 19 17.88 3.74 -5.24
C VAL B 19 18.38 2.59 -6.11
N ARG B 20 19.70 2.35 -6.12
N ARG B 20 19.70 2.34 -6.12
CA ARG B 20 20.32 1.23 -6.90
CA ARG B 20 20.28 1.23 -6.92
C ARG B 20 19.71 -0.09 -6.44
C ARG B 20 19.70 -0.11 -6.44
N ASP B 21 19.56 -0.29 -5.13
CA ASP B 21 19.02 -1.54 -4.56
C ASP B 21 17.61 -1.80 -5.11
N LEU B 22 16.79 -0.76 -5.17
CA LEU B 22 15.36 -0.88 -5.53
C LEU B 22 15.17 -0.87 -7.03
N THR B 23 16.17 -0.45 -7.82
CA THR B 23 15.97 -0.37 -9.28
C THR B 23 16.86 -1.41 -9.94
N ASP B 24 17.19 -2.46 -9.17
CA ASP B 24 17.73 -3.79 -9.60
C ASP B 24 19.08 -3.60 -10.30
N ALA B 25 19.87 -2.58 -9.93
CA ALA B 25 21.16 -2.28 -10.58
C ALA B 25 22.05 -3.52 -10.46
N GLY B 26 22.56 -4.04 -11.59
CA GLY B 26 23.46 -5.22 -11.64
C GLY B 26 22.73 -6.53 -11.93
N ARG B 27 21.39 -6.52 -11.86
CA ARG B 27 20.47 -7.68 -12.06
C ARG B 27 20.21 -7.89 -13.56
N HIS B 28 20.44 -6.86 -14.39
CA HIS B 28 20.02 -6.79 -15.82
C HIS B 28 18.54 -7.16 -15.94
N THR B 29 17.65 -6.25 -15.55
CA THR B 29 16.18 -6.46 -15.50
C THR B 29 15.59 -6.63 -16.91
N ASP B 30 14.47 -7.35 -17.01
CA ASP B 30 13.67 -7.50 -18.25
C ASP B 30 12.75 -6.28 -18.44
N ILE B 31 12.66 -5.35 -17.48
CA ILE B 31 11.72 -4.19 -17.53
C ILE B 31 12.45 -2.89 -17.21
N PRO B 32 13.45 -2.49 -18.03
CA PRO B 32 14.27 -1.32 -17.73
C PRO B 32 13.53 0.03 -17.77
N GLU B 33 12.53 0.19 -18.64
CA GLU B 33 11.73 1.46 -18.74
C GLU B 33 11.10 1.80 -17.40
N VAL B 34 10.41 0.83 -16.80
CA VAL B 34 9.58 1.10 -15.60
C VAL B 34 10.52 1.16 -14.39
N THR B 35 11.66 0.48 -14.45
CA THR B 35 12.65 0.50 -13.34
C THR B 35 13.31 1.88 -13.31
N LYS B 36 13.63 2.42 -14.49
CA LYS B 36 14.22 3.78 -14.64
C LYS B 36 13.20 4.80 -14.15
N ARG B 37 11.93 4.63 -14.49
CA ARG B 37 10.87 5.55 -14.00
C ARG B 37 10.87 5.51 -12.47
N PHE B 38 10.88 4.31 -11.89
CA PHE B 38 10.80 4.20 -10.42
C PHE B 38 12.00 4.90 -9.77
N ALA B 39 13.19 4.78 -10.35
CA ALA B 39 14.38 5.53 -9.85
C ALA B 39 14.04 7.02 -9.79
N LYS B 40 13.41 7.56 -10.83
CA LYS B 40 13.03 9.00 -10.84
C LYS B 40 11.99 9.27 -9.74
N VAL B 41 11.01 8.39 -9.56
CA VAL B 41 9.99 8.56 -8.49
C VAL B 41 10.73 8.69 -7.16
N LEU B 42 11.70 7.82 -6.89
CA LEU B 42 12.44 7.84 -5.62
C LEU B 42 13.29 9.12 -5.54
N GLN B 43 14.05 9.41 -6.60
CA GLN B 43 14.99 10.54 -6.63
C GLN B 43 14.22 11.87 -6.48
N TYR B 44 13.04 11.96 -7.05
CA TYR B 44 12.33 13.26 -7.15
C TYR B 44 11.59 13.50 -5.82
N ASN B 45 11.22 12.45 -5.06
CA ASN B 45 10.24 12.53 -3.95
C ASN B 45 10.80 12.15 -2.57
N VAL B 46 11.92 11.45 -2.48
CA VAL B 46 12.38 10.91 -1.17
C VAL B 46 13.51 11.72 -0.52
N PRO B 47 14.56 12.19 -1.23
CA PRO B 47 15.76 12.67 -0.55
C PRO B 47 15.86 14.19 -0.36
N THR B 48 14.79 14.92 -0.68
CA THR B 48 14.84 16.41 -0.71
C THR B 48 14.35 16.96 0.63
N GLY B 49 14.76 18.19 0.93
CA GLY B 49 14.36 18.88 2.17
C GLY B 49 14.96 18.26 3.41
N LYS B 50 14.33 18.55 4.55
CA LYS B 50 14.73 18.09 5.87
C LYS B 50 14.29 16.62 5.92
N LYS B 51 15.19 15.79 6.37
CA LYS B 51 14.87 14.35 6.59
C LYS B 51 14.82 14.16 8.10
N THR B 52 13.99 14.94 8.76
CA THR B 52 13.94 14.95 10.25
C THR B 52 13.63 13.56 10.80
N ARG B 53 12.66 12.83 10.21
CA ARG B 53 12.27 11.51 10.77
C ARG B 53 13.43 10.52 10.58
N GLY B 54 14.04 10.52 9.40
CA GLY B 54 15.15 9.59 9.12
C GLY B 54 16.33 9.89 10.02
N LEU B 55 16.74 11.15 10.11
CA LEU B 55 17.89 11.52 10.96
C LEU B 55 17.56 11.27 12.43
N SER B 56 16.31 11.44 12.84
CA SER B 56 15.88 11.15 14.24
C SER B 56 16.06 9.67 14.56
N THR B 57 15.89 8.80 13.58
CA THR B 57 16.07 7.34 13.75
C THR B 57 17.54 7.07 14.10
N VAL B 58 18.45 7.73 13.38
CA VAL B 58 19.92 7.59 13.62
C VAL B 58 20.23 8.13 15.03
N ILE B 59 19.72 9.31 15.35
CA ILE B 59 20.03 9.95 16.66
C ILE B 59 19.49 9.05 17.78
N ALA B 60 18.27 8.52 17.62
CA ALA B 60 17.66 7.67 18.66
C ALA B 60 18.58 6.47 18.87
N TYR B 61 18.99 5.81 17.80
CA TYR B 61 19.91 4.66 17.89
C TYR B 61 21.18 5.06 18.64
N LYS B 62 21.80 6.17 18.27
CA LYS B 62 23.09 6.60 18.87
C LYS B 62 22.93 6.87 20.38
N MET B 63 21.74 7.30 20.80
CA MET B 63 21.51 7.65 22.22
C MET B 63 20.98 6.45 23.03
N LEU B 64 20.59 5.35 22.37
CA LEU B 64 20.07 4.12 23.03
C LEU B 64 21.13 3.01 23.10
N GLU B 65 21.95 2.88 22.06
CA GLU B 65 22.97 1.81 21.93
C GLU B 65 24.11 2.02 22.93
N LYS B 66 24.74 0.93 23.35
CA LYS B 66 25.98 1.00 24.16
C LYS B 66 27.07 1.67 23.33
N PRO B 67 27.80 2.67 23.87
CA PRO B 67 28.93 3.28 23.16
C PRO B 67 29.82 2.29 22.37
N GLU B 68 30.13 1.12 22.93
CA GLU B 68 31.07 0.14 22.32
C GLU B 68 30.52 -0.38 21.00
N ASN B 69 29.18 -0.44 20.86
CA ASN B 69 28.47 -1.03 19.69
C ASN B 69 28.22 0.04 18.62
N LEU B 70 28.60 1.30 18.87
CA LEU B 70 28.34 2.39 17.91
C LEU B 70 29.44 2.42 16.86
N THR B 71 29.51 1.35 16.07
CA THR B 71 30.50 1.16 14.99
C THR B 71 29.99 1.89 13.76
N PRO B 72 30.86 2.27 12.81
CA PRO B 72 30.37 2.87 11.56
C PRO B 72 29.33 1.97 10.87
N GLU B 73 29.51 0.66 10.98
CA GLU B 73 28.60 -0.34 10.35
C GLU B 73 27.19 -0.24 10.97
N ASN B 74 27.09 -0.22 12.29
CA ASN B 74 25.78 -0.15 13.01
C ASN B 74 25.12 1.22 12.78
N VAL B 75 25.91 2.29 12.78
CA VAL B 75 25.34 3.65 12.52
C VAL B 75 24.80 3.72 11.08
N ARG B 76 25.44 3.02 10.15
CA ARG B 76 24.95 2.97 8.74
C ARG B 76 23.65 2.15 8.69
N LEU B 77 23.56 1.04 9.44
CA LEU B 77 22.26 0.33 9.53
C LEU B 77 21.20 1.29 10.07
N ALA B 78 21.49 2.08 11.10
CA ALA B 78 20.49 3.04 11.64
C ALA B 78 20.06 4.01 10.54
N GLY B 79 21.00 4.45 9.71
CA GLY B 79 20.72 5.36 8.59
C GLY B 79 19.83 4.68 7.56
N ILE B 80 20.04 3.40 7.29
CA ILE B 80 19.16 2.67 6.36
C ILE B 80 17.73 2.60 6.96
N LEU B 81 17.58 2.31 8.26
CA LEU B 81 16.24 2.33 8.90
C LEU B 81 15.64 3.73 8.76
N GLY B 82 16.45 4.77 8.93
CA GLY B 82 16.00 6.16 8.79
C GLY B 82 15.46 6.37 7.36
N TRP B 83 16.14 5.84 6.34
CA TRP B 83 15.65 5.96 4.94
C TRP B 83 14.35 5.17 4.76
N CYS B 84 14.15 4.08 5.49
CA CYS B 84 12.86 3.35 5.39
C CYS B 84 11.75 4.23 5.97
N VAL B 85 12.03 4.97 7.04
CA VAL B 85 11.03 5.94 7.58
C VAL B 85 10.77 7.00 6.52
N GLU B 86 11.80 7.49 5.85
CA GLU B 86 11.64 8.53 4.80
C GLU B 86 10.90 7.97 3.59
N LEU B 87 11.05 6.69 3.26
CA LEU B 87 10.26 6.06 2.17
C LEU B 87 8.79 6.06 2.59
N LEU B 88 8.49 5.72 3.84
CA LEU B 88 7.11 5.79 4.33
C LEU B 88 6.61 7.25 4.28
N GLN B 89 7.40 8.21 4.73
CA GLN B 89 7.02 9.66 4.69
C GLN B 89 6.70 10.02 3.23
N ALA B 90 7.56 9.67 2.30
CA ALA B 90 7.41 9.97 0.85
C ALA B 90 6.11 9.37 0.34
N SER B 91 5.79 8.13 0.69
CA SER B 91 4.51 7.51 0.24
C SER B 91 3.32 8.32 0.74
N LEU B 92 3.41 8.83 1.97
CA LEU B 92 2.29 9.57 2.60
C LEU B 92 2.16 10.94 1.92
N LEU B 93 3.27 11.59 1.62
CA LEU B 93 3.27 12.92 0.96
C LEU B 93 2.75 12.74 -0.47
N ILE B 94 3.11 11.64 -1.14
CA ILE B 94 2.61 11.34 -2.50
C ILE B 94 1.09 11.16 -2.41
N MET B 95 0.60 10.41 -1.43
CA MET B 95 -0.86 10.19 -1.30
C MET B 95 -1.56 11.53 -1.04
N ASP B 96 -0.97 12.42 -0.23
CA ASP B 96 -1.45 13.82 -0.05
C ASP B 96 -1.52 14.57 -1.38
N ASP B 97 -0.43 14.57 -2.17
CA ASP B 97 -0.33 15.26 -3.50
C ASP B 97 -1.43 14.72 -4.43
N LEU B 98 -1.68 13.41 -4.40
CA LEU B 98 -2.72 12.74 -5.23
C LEU B 98 -4.14 13.11 -4.76
N MET B 99 -4.52 12.89 -3.47
CA MET B 99 -5.97 12.90 -3.08
C MET B 99 -6.40 14.31 -2.65
N ASP B 100 -5.62 15.33 -3.04
CA ASP B 100 -5.99 16.77 -3.03
C ASP B 100 -5.93 17.34 -4.44
N ARG B 101 -4.84 17.08 -5.18
CA ARG B 101 -4.70 17.39 -6.63
C ARG B 101 -5.21 16.19 -7.46
N PHE B 119 3.55 14.09 -13.23
CA PHE B 119 4.41 12.87 -13.35
C PHE B 119 3.93 11.75 -12.42
N LEU B 120 3.53 12.05 -11.17
CA LEU B 120 3.17 11.01 -10.15
C LEU B 120 1.92 10.24 -10.62
N ALA B 121 1.97 8.91 -10.51
CA ALA B 121 0.85 7.99 -10.79
C ALA B 121 0.21 7.60 -9.46
N ILE B 122 -1.05 7.21 -9.50
CA ILE B 122 -1.81 6.92 -8.25
C ILE B 122 -1.11 5.76 -7.52
N ASN B 123 -0.56 4.78 -8.23
CA ASN B 123 0.01 3.58 -7.56
C ASN B 123 1.44 3.86 -7.06
N ASP B 124 2.03 5.01 -7.39
CA ASP B 124 3.37 5.38 -6.85
C ASP B 124 3.35 5.39 -5.31
N CYS B 125 2.26 5.80 -4.66
CA CYS B 125 2.28 5.84 -3.17
C CYS B 125 2.38 4.39 -2.65
N LEU B 126 1.60 3.46 -3.21
CA LEU B 126 1.65 2.02 -2.81
C LEU B 126 3.05 1.46 -3.09
N HIS B 127 3.59 1.76 -4.27
CA HIS B 127 4.89 1.24 -4.72
C HIS B 127 5.98 1.72 -3.75
N VAL B 128 6.02 3.02 -3.49
CA VAL B 128 7.07 3.59 -2.60
C VAL B 128 6.93 2.98 -1.20
N GLU B 129 5.71 2.83 -0.68
CA GLU B 129 5.51 2.22 0.65
C GLU B 129 6.06 0.78 0.60
N SER B 130 5.72 0.01 -0.42
CA SER B 130 6.14 -1.40 -0.51
CA SER B 130 6.14 -1.41 -0.55
C SER B 130 7.67 -1.48 -0.58
N SER B 131 8.31 -0.48 -1.18
CA SER B 131 9.77 -0.50 -1.41
C SER B 131 10.50 -0.57 -0.05
N LEU B 132 9.97 0.01 1.02
CA LEU B 132 10.74 0.06 2.31
C LEU B 132 10.93 -1.38 2.81
N TYR B 133 10.00 -2.29 2.49
CA TYR B 133 10.09 -3.69 2.97
C TYR B 133 11.18 -4.43 2.19
N SER B 134 11.40 -4.05 0.94
CA SER B 134 12.52 -4.62 0.16
CA SER B 134 12.53 -4.59 0.14
C SER B 134 13.87 -4.18 0.78
N VAL B 135 13.97 -2.92 1.19
CA VAL B 135 15.18 -2.39 1.86
C VAL B 135 15.39 -3.16 3.17
N LEU B 136 14.32 -3.35 3.95
CA LEU B 136 14.44 -4.05 5.26
C LEU B 136 14.94 -5.46 4.99
N ARG B 137 14.36 -6.17 4.02
CA ARG B 137 14.77 -7.56 3.73
C ARG B 137 16.25 -7.58 3.35
N LYS B 138 16.69 -6.65 2.51
CA LYS B 138 18.09 -6.63 2.02
CA LYS B 138 18.08 -6.64 2.02
C LYS B 138 19.06 -6.51 3.20
N TYR B 139 18.82 -5.58 4.11
CA TYR B 139 19.87 -5.20 5.08
C TYR B 139 19.69 -5.86 6.45
N PHE B 140 18.48 -6.27 6.84
CA PHE B 140 18.16 -6.62 8.25
C PHE B 140 17.70 -8.08 8.39
N SER B 141 17.47 -8.81 7.32
CA SER B 141 16.80 -10.14 7.39
C SER B 141 17.61 -11.13 8.23
N HIS B 142 18.92 -10.92 8.42
CA HIS B 142 19.77 -11.86 9.21
C HIS B 142 19.94 -11.40 10.67
N LEU B 143 19.28 -10.32 11.08
CA LEU B 143 19.43 -9.76 12.46
C LEU B 143 18.25 -10.15 13.34
N PRO B 144 18.47 -10.29 14.67
CA PRO B 144 17.37 -10.57 15.59
C PRO B 144 16.28 -9.51 15.56
N CYS B 145 16.63 -8.27 15.18
CA CYS B 145 15.65 -7.15 15.20
C CYS B 145 14.73 -7.19 13.96
N TYR B 146 14.94 -8.10 13.03
CA TYR B 146 14.24 -8.10 11.72
C TYR B 146 12.73 -8.19 11.93
N VAL B 147 12.26 -9.24 12.59
CA VAL B 147 10.79 -9.46 12.71
C VAL B 147 10.17 -8.34 13.54
N PRO B 148 10.70 -7.93 14.70
CA PRO B 148 10.12 -6.79 15.43
C PRO B 148 10.04 -5.54 14.54
N ILE B 149 11.05 -5.31 13.71
CA ILE B 149 11.07 -4.08 12.88
C ILE B 149 10.00 -4.21 11.78
N ILE B 150 9.91 -5.33 11.09
CA ILE B 150 8.88 -5.43 10.01
C ILE B 150 7.48 -5.35 10.66
N GLU B 151 7.27 -5.96 11.84
CA GLU B 151 5.95 -5.94 12.50
C GLU B 151 5.61 -4.52 12.94
N LEU B 152 6.62 -3.75 13.34
CA LEU B 152 6.42 -2.34 13.72
C LEU B 152 5.95 -1.54 12.50
N PHE B 153 6.63 -1.70 11.36
CA PHE B 153 6.26 -0.98 10.12
C PHE B 153 4.83 -1.41 9.73
N HIS B 154 4.50 -2.71 9.82
CA HIS B 154 3.15 -3.22 9.47
C HIS B 154 2.10 -2.50 10.32
N ASP B 155 2.35 -2.46 11.63
CA ASP B 155 1.40 -1.93 12.61
C ASP B 155 1.27 -0.42 12.41
N VAL B 156 2.39 0.26 12.23
CA VAL B 156 2.38 1.74 12.04
C VAL B 156 1.64 2.07 10.73
N ASN B 157 1.85 1.30 9.68
CA ASN B 157 1.14 1.50 8.38
C ASN B 157 -0.36 1.40 8.62
N PHE B 158 -0.82 0.31 9.22
CA PHE B 158 -2.26 0.06 9.48
C PHE B 158 -2.85 1.21 10.32
N LYS B 159 -2.17 1.59 11.40
CA LYS B 159 -2.67 2.65 12.31
C LYS B 159 -2.71 4.00 11.56
N THR B 160 -1.72 4.28 10.73
CA THR B 160 -1.67 5.56 9.97
C THR B 160 -2.87 5.61 9.02
N ASN B 161 -3.16 4.51 8.36
CA ASN B 161 -4.35 4.41 7.47
C ASN B 161 -5.62 4.63 8.30
N MET B 162 -5.69 4.10 9.51
CA MET B 162 -6.87 4.30 10.41
CA MET B 162 -6.89 4.31 10.38
C MET B 162 -7.00 5.80 10.72
N GLY B 163 -5.87 6.46 11.00
CA GLY B 163 -5.85 7.89 11.33
C GLY B 163 -6.33 8.72 10.14
N GLN B 164 -5.90 8.37 8.94
CA GLN B 164 -6.31 9.07 7.70
C GLN B 164 -7.81 8.92 7.52
N SER B 165 -8.35 7.72 7.70
CA SER B 165 -9.82 7.47 7.62
C SER B 165 -10.55 8.25 8.71
N LEU B 166 -10.03 8.32 9.95
CA LEU B 166 -10.73 9.05 11.04
C LEU B 166 -10.79 10.53 10.67
N ASP B 167 -9.71 11.08 10.11
CA ASP B 167 -9.66 12.50 9.66
C ASP B 167 -10.76 12.70 8.60
N ALA B 168 -10.88 11.75 7.67
CA ALA B 168 -11.84 11.86 6.55
C ALA B 168 -13.28 11.85 7.10
N LEU B 169 -13.52 11.19 8.24
CA LEU B 169 -14.88 11.08 8.86
C LEU B 169 -15.31 12.40 9.50
N CYS B 170 -14.45 13.43 9.43
CA CYS B 170 -14.79 14.80 9.91
C CYS B 170 -15.28 15.69 8.76
N MET B 171 -15.38 15.15 7.54
CA MET B 171 -15.81 15.91 6.34
C MET B 171 -16.87 15.07 5.63
N LYS B 172 -17.92 15.70 5.11
CA LYS B 172 -18.92 15.02 4.25
C LYS B 172 -19.38 15.99 3.17
N ASP B 173 -19.42 15.53 1.91
CA ASP B 173 -19.90 16.35 0.77
C ASP B 173 -19.15 17.70 0.76
N GLY B 174 -17.84 17.69 1.04
CA GLY B 174 -16.95 18.87 0.94
C GLY B 174 -17.10 19.85 2.09
N ARG B 175 -17.89 19.52 3.11
CA ARG B 175 -18.22 20.41 4.26
C ARG B 175 -17.74 19.74 5.55
N PRO B 176 -17.10 20.49 6.47
CA PRO B 176 -16.71 19.91 7.75
C PRO B 176 -17.96 19.59 8.58
N ILE B 177 -17.91 18.46 9.29
CA ILE B 177 -18.98 18.02 10.22
C ILE B 177 -18.58 18.48 11.61
N LEU B 178 -19.03 19.66 12.04
CA LEU B 178 -18.49 20.30 13.27
C LEU B 178 -18.87 19.47 14.52
N SER B 179 -19.96 18.68 14.47
CA SER B 179 -20.36 17.80 15.59
C SER B 179 -19.25 16.76 15.84
N GLN B 180 -18.43 16.46 14.84
CA GLN B 180 -17.32 15.48 14.93
C GLN B 180 -16.07 16.11 15.58
N PHE B 181 -16.00 17.44 15.68
CA PHE B 181 -14.79 18.17 16.14
C PHE B 181 -14.77 18.19 17.67
N THR B 182 -14.50 17.04 18.26
CA THR B 182 -14.30 16.85 19.71
C THR B 182 -12.80 16.71 19.99
N MET B 183 -12.38 17.05 21.20
CA MET B 183 -10.97 16.91 21.57
C MET B 183 -10.61 15.42 21.55
N LYS B 184 -11.52 14.52 21.94
CA LYS B 184 -11.23 13.08 21.93
C LYS B 184 -10.92 12.63 20.49
N ARG B 185 -11.75 13.03 19.52
CA ARG B 185 -11.53 12.66 18.09
C ARG B 185 -10.24 13.31 17.57
N TYR B 186 -10.03 14.60 17.84
CA TYR B 186 -8.79 15.32 17.47
C TYR B 186 -7.57 14.54 17.97
N SER B 187 -7.54 14.21 19.26
CA SER B 187 -6.38 13.55 19.89
C SER B 187 -6.14 12.20 19.18
N SER B 188 -7.20 11.46 18.88
CA SER B 188 -7.12 10.17 18.15
C SER B 188 -6.57 10.38 16.73
N ILE B 189 -7.04 11.39 16.01
CA ILE B 189 -6.53 11.66 14.64
C ILE B 189 -5.02 11.93 14.74
N VAL B 190 -4.60 12.77 15.66
CA VAL B 190 -3.17 13.16 15.73
C VAL B 190 -2.34 11.91 16.05
N LYS B 191 -2.80 11.11 17.01
CA LYS B 191 -2.05 9.92 17.47
C LYS B 191 -1.89 8.96 16.28
N TYR B 192 -2.99 8.58 15.65
CA TYR B 192 -3.01 7.49 14.62
C TYR B 192 -2.42 8.01 13.30
N LYS B 193 -2.85 9.20 12.86
CA LYS B 193 -2.48 9.72 11.52
C LYS B 193 -1.02 10.18 11.49
N THR B 194 -0.46 10.65 12.60
CA THR B 194 0.81 11.42 12.58
C THR B 194 1.79 10.91 13.63
N SER B 195 1.41 10.84 14.90
CA SER B 195 2.38 10.66 15.99
C SER B 195 3.04 9.28 15.91
N TYR B 196 2.29 8.24 15.58
CA TYR B 196 2.86 6.86 15.52
C TYR B 196 4.03 6.84 14.52
N TYR B 197 3.83 7.31 13.28
CA TYR B 197 4.90 7.18 12.26
C TYR B 197 5.98 8.27 12.45
N THR B 198 5.63 9.42 13.01
CA THR B 198 6.57 10.58 13.10
C THR B 198 7.45 10.46 14.35
N PHE B 199 6.86 10.13 15.50
CA PHE B 199 7.57 10.16 16.80
C PHE B 199 7.89 8.75 17.31
N GLN B 200 6.89 7.85 17.34
CA GLN B 200 7.12 6.50 17.90
C GLN B 200 8.05 5.70 16.99
N LEU B 201 7.79 5.67 15.69
CA LEU B 201 8.50 4.79 14.74
C LEU B 201 10.01 5.02 14.80
N PRO B 202 10.58 6.25 14.68
CA PRO B 202 12.03 6.40 14.76
C PRO B 202 12.65 5.87 16.06
N VAL B 203 11.98 6.14 17.19
CA VAL B 203 12.52 5.76 18.51
C VAL B 203 12.40 4.24 18.67
N SER B 204 11.26 3.64 18.35
CA SER B 204 11.12 2.17 18.45
C SER B 204 12.12 1.49 17.50
N LEU B 205 12.36 2.02 16.31
CA LEU B 205 13.39 1.43 15.42
C LEU B 205 14.77 1.50 16.07
N GLY B 206 15.16 2.65 16.63
CA GLY B 206 16.45 2.78 17.33
C GLY B 206 16.56 1.76 18.46
N MET B 207 15.47 1.58 19.21
CA MET B 207 15.43 0.62 20.33
C MET B 207 15.65 -0.81 19.79
N TYR B 208 14.92 -1.21 18.75
CA TYR B 208 15.04 -2.57 18.21
C TYR B 208 16.46 -2.79 17.66
N LEU B 209 17.03 -1.82 16.94
CA LEU B 209 18.40 -2.00 16.40
C LEU B 209 19.39 -2.15 17.56
N ALA B 210 19.12 -1.50 18.71
CA ALA B 210 19.91 -1.60 19.96
C ALA B 210 19.54 -2.87 20.75
N ASP B 211 18.76 -3.78 20.17
CA ASP B 211 18.30 -5.05 20.81
C ASP B 211 17.57 -4.75 22.11
N MET B 212 16.75 -3.72 22.11
CA MET B 212 15.84 -3.38 23.22
C MET B 212 14.44 -3.83 22.82
N TYR B 213 14.00 -4.98 23.30
CA TYR B 213 12.72 -5.61 22.88
C TYR B 213 11.64 -5.47 23.96
N ASP B 214 12.04 -5.07 25.17
CA ASP B 214 11.17 -5.07 26.36
C ASP B 214 9.93 -4.25 26.07
N PRO B 215 8.71 -4.85 26.06
CA PRO B 215 7.47 -4.10 25.81
C PRO B 215 7.30 -2.90 26.75
N GLU B 216 7.70 -3.04 28.02
CA GLU B 216 7.55 -1.94 29.02
C GLU B 216 8.41 -0.74 28.60
N GLN B 217 9.58 -0.96 28.01
CA GLN B 217 10.45 0.14 27.52
C GLN B 217 9.75 0.83 26.35
N HIS B 218 9.23 0.06 25.38
CA HIS B 218 8.54 0.65 24.21
C HIS B 218 7.32 1.43 24.71
N ARG B 219 6.60 0.90 25.70
CA ARG B 219 5.38 1.56 26.25
C ARG B 219 5.75 2.90 26.92
N GLN B 220 6.81 2.92 27.73
CA GLN B 220 7.20 4.18 28.45
C GLN B 220 7.61 5.21 27.40
N ALA B 221 8.33 4.80 26.36
CA ALA B 221 8.75 5.72 25.27
C ALA B 221 7.49 6.24 24.57
N LYS B 222 6.56 5.34 24.26
CA LYS B 222 5.32 5.69 23.52
C LYS B 222 4.51 6.77 24.27
N THR B 223 4.33 6.62 25.59
CA THR B 223 3.55 7.59 26.41
C THR B 223 4.09 8.99 26.17
N ILE B 224 5.39 9.17 26.33
CA ILE B 224 6.04 10.51 26.23
C ILE B 224 5.95 10.96 24.76
N LEU B 225 6.23 10.08 23.81
CA LEU B 225 6.30 10.49 22.38
C LEU B 225 4.90 10.90 21.88
N MET B 226 3.84 10.26 22.35
CA MET B 226 2.47 10.65 21.92
C MET B 226 2.13 12.01 22.51
N GLU B 227 2.59 12.31 23.72
CA GLU B 227 2.37 13.63 24.37
C GLU B 227 3.11 14.72 23.58
N ILE B 228 4.35 14.47 23.21
CA ILE B 228 5.15 15.44 22.42
C ILE B 228 4.47 15.60 21.07
N GLY B 229 4.00 14.50 20.48
CA GLY B 229 3.38 14.56 19.14
C GLY B 229 2.10 15.37 19.19
N GLU B 230 1.33 15.25 20.27
CA GLU B 230 0.09 16.04 20.42
C GLU B 230 0.46 17.52 20.48
N PHE B 231 1.43 17.91 21.30
CA PHE B 231 1.83 19.34 21.32
C PHE B 231 2.31 19.75 19.93
N ALA B 232 3.14 18.92 19.26
CA ALA B 232 3.70 19.29 17.95
C ALA B 232 2.55 19.69 17.00
N GLN B 233 1.48 18.88 16.96
CA GLN B 233 0.39 19.13 15.98
C GLN B 233 -0.40 20.36 16.45
N ILE B 234 -0.59 20.52 17.75
CA ILE B 234 -1.37 21.67 18.27
C ILE B 234 -0.62 22.96 17.96
N GLN B 235 0.69 22.97 18.14
CA GLN B 235 1.54 24.12 17.79
C GLN B 235 1.42 24.39 16.30
N ASP B 236 1.45 23.35 15.49
CA ASP B 236 1.36 23.50 14.02
C ASP B 236 0.00 24.10 13.67
N ASP B 237 -1.06 23.62 14.31
CA ASP B 237 -2.44 24.12 14.04
C ASP B 237 -2.54 25.58 14.46
N PHE B 238 -1.98 25.93 15.61
CA PHE B 238 -1.98 27.33 16.09
C PHE B 238 -1.29 28.22 15.06
N LEU B 239 -0.10 27.82 14.61
CA LEU B 239 0.72 28.66 13.71
C LEU B 239 0.03 28.77 12.35
N ASP B 240 -0.77 27.79 11.95
CA ASP B 240 -1.46 27.82 10.63
C ASP B 240 -2.27 29.12 10.52
N ALA B 241 -2.91 29.54 11.61
CA ALA B 241 -3.77 30.76 11.65
C ALA B 241 -2.98 31.97 12.16
N PHE B 242 -2.13 31.79 13.16
CA PHE B 242 -1.53 32.89 13.95
C PHE B 242 -0.04 33.08 13.66
N GLY B 243 0.59 32.22 12.85
CA GLY B 243 2.00 32.36 12.47
C GLY B 243 2.23 33.51 11.50
N ASP B 244 3.47 33.97 11.42
CA ASP B 244 3.90 34.93 10.37
C ASP B 244 4.43 34.09 9.18
N SER B 245 3.81 34.23 7.99
CA SER B 245 4.18 33.48 6.75
C SER B 245 5.23 34.27 5.95
N LYS B 250 4.78 29.21 4.94
CA LYS B 250 3.61 29.00 4.04
C LYS B 250 2.42 29.81 4.57
N VAL B 251 1.44 30.10 3.71
CA VAL B 251 0.15 30.77 4.10
C VAL B 251 -0.86 29.67 4.48
N GLY B 252 -1.38 29.74 5.71
CA GLY B 252 -2.23 28.68 6.28
C GLY B 252 -3.61 28.63 5.64
N THR B 253 -4.07 27.42 5.30
CA THR B 253 -5.35 27.16 4.62
C THR B 253 -6.22 26.19 5.43
N ASP B 254 -5.88 25.90 6.70
CA ASP B 254 -6.68 24.94 7.51
C ASP B 254 -8.14 25.38 7.56
N ILE B 255 -8.40 26.67 7.76
CA ILE B 255 -9.79 27.18 7.89
C ILE B 255 -10.54 26.95 6.57
N LYS B 256 -9.97 27.39 5.45
CA LYS B 256 -10.54 27.20 4.09
C LYS B 256 -10.80 25.71 3.85
N GLU B 257 -9.87 24.84 4.25
CA GLU B 257 -9.95 23.39 3.95
C GLU B 257 -10.86 22.67 4.96
N GLY B 258 -11.35 23.35 5.99
CA GLY B 258 -12.29 22.74 6.96
C GLY B 258 -11.62 21.69 7.84
N LYS B 259 -10.33 21.85 8.11
CA LYS B 259 -9.52 20.83 8.84
C LYS B 259 -10.03 20.75 10.27
N CYS B 260 -10.04 19.54 10.82
CA CYS B 260 -10.17 19.28 12.26
C CYS B 260 -8.87 19.72 12.94
N SER B 261 -8.74 21.04 13.10
CA SER B 261 -7.65 21.75 13.78
C SER B 261 -7.96 21.86 15.28
N TRP B 262 -6.92 21.92 16.08
CA TRP B 262 -7.07 22.21 17.53
C TRP B 262 -7.81 23.53 17.71
N LEU B 263 -7.52 24.53 16.87
CA LEU B 263 -8.18 25.85 17.01
C LEU B 263 -9.70 25.68 16.83
N ALA B 264 -10.13 24.92 15.83
CA ALA B 264 -11.58 24.73 15.56
C ALA B 264 -12.19 23.96 16.73
N VAL B 265 -11.52 22.93 17.21
CA VAL B 265 -12.03 22.10 18.32
C VAL B 265 -12.24 22.97 19.57
N VAL B 266 -11.24 23.74 19.95
CA VAL B 266 -11.32 24.58 21.18
C VAL B 266 -12.33 25.71 20.94
N ALA B 267 -12.35 26.31 19.75
CA ALA B 267 -13.35 27.35 19.43
C ALA B 267 -14.75 26.78 19.72
N LEU B 268 -15.03 25.54 19.31
CA LEU B 268 -16.39 24.95 19.47
C LEU B 268 -16.67 24.70 20.95
N GLN B 269 -15.66 24.32 21.72
CA GLN B 269 -15.77 24.12 23.19
C GLN B 269 -16.17 25.45 23.85
N ARG B 270 -15.59 26.57 23.38
CA ARG B 270 -15.65 27.90 24.04
C ARG B 270 -16.83 28.73 23.51
N SER B 271 -17.44 28.35 22.38
CA SER B 271 -18.46 29.17 21.66
C SER B 271 -19.79 29.16 22.42
N ASN B 272 -20.44 30.31 22.50
CA ASN B 272 -21.90 30.40 22.80
C ASN B 272 -22.64 30.07 21.50
N PRO B 273 -23.98 29.95 21.50
CA PRO B 273 -24.72 29.60 20.28
C PRO B 273 -24.50 30.56 19.09
N ALA B 274 -24.37 31.86 19.34
CA ALA B 274 -24.11 32.86 18.27
C ALA B 274 -22.72 32.60 17.65
N GLN B 275 -21.73 32.27 18.47
CA GLN B 275 -20.34 32.03 17.98
C GLN B 275 -20.30 30.70 17.22
N ARG B 276 -21.04 29.70 17.70
CA ARG B 276 -21.16 28.38 17.02
C ARG B 276 -21.78 28.60 15.63
N GLN B 277 -22.76 29.50 15.51
CA GLN B 277 -23.42 29.76 14.21
C GLN B 277 -22.41 30.36 13.21
N ILE B 278 -21.48 31.21 13.68
CA ILE B 278 -20.40 31.77 12.82
C ILE B 278 -19.54 30.61 12.30
N MET B 279 -19.14 29.68 13.16
CA MET B 279 -18.35 28.49 12.73
C MET B 279 -19.15 27.69 11.69
N GLU B 280 -20.42 27.41 11.97
CA GLU B 280 -21.29 26.61 11.07
C GLU B 280 -21.32 27.31 9.70
N GLU B 281 -21.48 28.63 9.68
CA GLU B 281 -21.63 29.37 8.40
C GLU B 281 -20.31 29.52 7.64
N HIS B 282 -19.19 29.78 8.33
CA HIS B 282 -17.95 30.30 7.68
C HIS B 282 -16.78 29.31 7.72
N TYR B 283 -16.82 28.27 8.55
CA TYR B 283 -15.69 27.30 8.60
C TYR B 283 -15.73 26.42 7.35
N GLY B 284 -14.57 26.24 6.71
CA GLY B 284 -14.42 25.37 5.54
C GLY B 284 -14.95 25.98 4.26
N ARG B 285 -15.06 27.30 4.19
CA ARG B 285 -15.53 28.02 2.97
C ARG B 285 -14.36 28.49 2.14
N PRO B 286 -14.51 28.60 0.80
CA PRO B 286 -13.43 29.07 -0.07
C PRO B 286 -13.16 30.59 -0.04
N GLU B 287 -14.13 31.39 0.38
CA GLU B 287 -14.06 32.88 0.31
C GLU B 287 -13.03 33.36 1.33
N PRO B 288 -12.03 34.17 0.93
CA PRO B 288 -11.05 34.72 1.86
C PRO B 288 -11.68 35.45 3.06
N GLU B 289 -12.83 36.12 2.82
CA GLU B 289 -13.55 36.88 3.88
C GLU B 289 -14.00 35.94 4.99
N SER B 290 -14.45 34.72 4.66
CA SER B 290 -14.88 33.69 5.65
C SER B 290 -13.68 33.25 6.51
N THR B 291 -12.49 33.13 5.93
CA THR B 291 -11.27 32.80 6.71
C THR B 291 -11.01 33.93 7.72
N GLN B 292 -11.18 35.18 7.30
CA GLN B 292 -10.95 36.35 8.21
C GLN B 292 -12.02 36.36 9.32
N ILE B 293 -13.26 36.02 9.00
CA ILE B 293 -14.38 35.93 10.00
C ILE B 293 -13.99 34.90 11.07
N ILE B 294 -13.52 33.73 10.64
CA ILE B 294 -13.11 32.67 11.60
C ILE B 294 -11.90 33.14 12.43
N LYS B 295 -10.88 33.73 11.78
CA LYS B 295 -9.70 34.24 12.53
C LYS B 295 -10.18 35.25 13.57
N ASN B 296 -11.09 36.15 13.19
CA ASN B 296 -11.66 37.16 14.13
C ASN B 296 -12.35 36.47 15.29
N LEU B 297 -13.07 35.38 15.04
CA LEU B 297 -13.76 34.65 16.13
C LEU B 297 -12.71 33.99 17.02
N TYR B 298 -11.67 33.39 16.44
CA TYR B 298 -10.58 32.77 17.23
C TYR B 298 -9.97 33.82 18.17
N ILE B 299 -9.78 35.04 17.69
CA ILE B 299 -9.22 36.15 18.51
C ILE B 299 -10.21 36.52 19.63
N GLU B 300 -11.48 36.70 19.29
CA GLU B 300 -12.56 37.02 20.26
C GLU B 300 -12.60 35.94 21.35
N LEU B 301 -12.39 34.68 20.96
CA LEU B 301 -12.53 33.54 21.90
C LEU B 301 -11.25 33.33 22.72
N GLY B 302 -10.20 34.12 22.51
CA GLY B 302 -8.97 34.05 23.31
C GLY B 302 -8.17 32.80 23.01
N LEU B 303 -8.21 32.30 21.77
CA LEU B 303 -7.47 31.07 21.43
C LEU B 303 -5.96 31.30 21.56
N PRO B 304 -5.39 32.48 21.22
CA PRO B 304 -3.98 32.73 21.50
C PRO B 304 -3.59 32.55 22.97
N ALA B 305 -4.37 33.09 23.91
CA ALA B 305 -4.11 32.98 25.36
C ALA B 305 -4.25 31.51 25.77
N THR B 306 -5.26 30.82 25.24
CA THR B 306 -5.52 29.39 25.56
C THR B 306 -4.33 28.55 25.08
N PHE B 307 -3.78 28.84 23.90
CA PHE B 307 -2.58 28.15 23.38
C PHE B 307 -1.38 28.41 24.31
N ALA B 308 -1.15 29.66 24.70
CA ALA B 308 -0.07 30.05 25.63
C ALA B 308 -0.17 29.21 26.92
N VAL B 309 -1.36 29.05 27.49
CA VAL B 309 -1.55 28.27 28.75
C VAL B 309 -1.23 26.82 28.45
N TYR B 310 -1.75 26.28 27.36
CA TYR B 310 -1.54 24.87 26.96
C TYR B 310 -0.04 24.60 26.73
N GLU B 311 0.67 25.53 26.09
CA GLU B 311 2.11 25.37 25.78
C GLU B 311 2.89 25.24 27.09
N GLU B 312 2.60 26.12 28.05
CA GLU B 312 3.28 26.11 29.37
C GLU B 312 2.90 24.84 30.14
N GLU B 313 1.61 24.51 30.21
CA GLU B 313 1.14 23.34 31.00
C GLU B 313 1.69 22.05 30.38
N SER B 314 1.58 21.88 29.06
CA SER B 314 2.08 20.65 28.36
C SER B 314 3.60 20.53 28.48
N PHE B 315 4.33 21.63 28.38
CA PHE B 315 5.80 21.63 28.57
C PHE B 315 6.11 21.03 29.94
N ASN B 316 5.43 21.52 30.98
CA ASN B 316 5.71 21.13 32.39
C ASN B 316 5.38 19.64 32.57
N ILE B 317 4.25 19.18 32.04
CA ILE B 317 3.80 17.77 32.22
C ILE B 317 4.81 16.88 31.51
N ILE B 318 5.15 17.19 30.26
CA ILE B 318 6.09 16.37 29.46
C ILE B 318 7.46 16.37 30.14
N ARG B 319 7.94 17.51 30.61
CA ARG B 319 9.25 17.56 31.29
C ARG B 319 9.21 16.63 32.51
N THR B 320 8.11 16.67 33.26
CA THR B 320 7.94 15.82 34.46
C THR B 320 7.97 14.36 34.03
N HIS B 321 7.24 14.00 32.98
CA HIS B 321 7.16 12.59 32.54
C HIS B 321 8.53 12.13 32.11
N ILE B 322 9.32 12.98 31.45
CA ILE B 322 10.70 12.60 31.02
C ILE B 322 11.58 12.41 32.26
N HIS B 323 11.54 13.32 33.23
CA HIS B 323 12.28 13.13 34.51
C HIS B 323 11.90 11.80 35.16
N GLN B 324 10.63 11.37 35.02
CA GLN B 324 10.12 10.15 35.69
C GLN B 324 10.41 8.88 34.86
N ILE B 325 10.96 9.00 33.65
CA ILE B 325 11.11 7.85 32.71
C ILE B 325 11.99 6.82 33.41
N SER B 326 11.52 5.59 33.40
CA SER B 326 12.23 4.50 34.10
C SER B 326 12.49 3.36 33.12
N LYS B 327 12.51 2.13 33.59
CA LYS B 327 12.73 0.94 32.73
C LYS B 327 14.11 1.02 32.05
N GLY B 328 15.06 1.74 32.63
CA GLY B 328 16.44 1.88 32.09
C GLY B 328 16.52 2.69 30.80
N LEU B 329 15.55 3.57 30.53
CA LEU B 329 15.57 4.42 29.30
C LEU B 329 16.37 5.69 29.56
N PRO B 330 17.14 6.21 28.59
CA PRO B 330 17.91 7.43 28.79
C PRO B 330 16.97 8.63 28.71
N HIS B 331 17.19 9.63 29.54
CA HIS B 331 16.35 10.85 29.50
C HIS B 331 16.76 11.75 28.35
N ASP B 332 18.06 11.80 28.02
CA ASP B 332 18.62 12.86 27.15
C ASP B 332 17.98 12.76 25.76
N LEU B 333 17.62 11.56 25.31
CA LEU B 333 16.99 11.39 23.97
C LEU B 333 15.64 12.12 23.95
N PHE B 334 14.83 11.92 24.98
CA PHE B 334 13.46 12.50 25.06
C PHE B 334 13.55 14.02 25.26
N PHE B 335 14.47 14.49 26.09
CA PHE B 335 14.70 15.95 26.26
C PHE B 335 15.13 16.58 24.94
N LYS B 336 15.94 15.88 24.15
CA LYS B 336 16.40 16.41 22.85
C LYS B 336 15.18 16.52 21.93
N ILE B 337 14.28 15.53 21.94
CA ILE B 337 13.07 15.55 21.09
C ILE B 337 12.19 16.72 21.55
N MET B 338 11.97 16.83 22.86
CA MET B 338 11.07 17.84 23.46
C MET B 338 11.59 19.23 23.08
N LYS B 339 12.90 19.47 23.23
CA LYS B 339 13.53 20.79 22.98
C LYS B 339 13.44 21.14 21.49
N LYS B 340 13.53 20.16 20.59
CA LYS B 340 13.38 20.37 19.12
C LYS B 340 11.97 20.90 18.82
N ILE B 341 10.94 20.33 19.45
CA ILE B 341 9.52 20.67 19.17
C ILE B 341 9.18 22.00 19.85
N TYR B 342 9.51 22.16 21.14
CA TYR B 342 9.14 23.36 21.92
C TYR B 342 10.10 24.52 21.66
N LYS B 343 11.35 24.26 21.26
CA LYS B 343 12.43 25.28 21.09
C LYS B 343 12.53 26.15 22.36
#